data_8XWS
#
_entry.id   8XWS
#
loop_
_entity.id
_entity.type
_entity.pdbx_description
1 polymer 'C-X-C motif chemokine 5'
2 polymer 'C-X-C chemokine receptor type 2'
#
loop_
_entity_poly.entity_id
_entity_poly.type
_entity_poly.pdbx_seq_one_letter_code
_entity_poly.pdbx_strand_id
1 'polypeptide(L)' AGPAAAVLRELRCVCLQTTQGVHPKMISNLQVFAIGPQCSKVEVVASLKNGKEICLDPEAPFLKKVIQKILDGGNKEN D,B
2 'polypeptide(L)'
;MGKTIIALSYIFCLVFADYKDDDDAANFTPVNGSSGNQSVRLVTSSSLEVLFQGPGSEDFNMESDSFEDFWKGEDLSNYS
YSSTLPPFLLDAAPCEPESLEINKYFVVIIYALVFLLSLLGNSLVMLVILYSRVGRSVTDVYLLNLALADLLFALTLPIW
AASKVNGWIFGTFLCKVVSLLKEVNFYSGILLLACISVDRYLAIVHATRTLTQKRYLVKFICLSIWGLSLLLALPVLLFR
RTVYSSNVSPACYEDMGNNTANWRMLLRILPQSFGFIVPLLIMLFCYGFTLRTLFKAHMGQKHRAMRVIFAVVLIFLLCW
LPYNLVLLADTLMRTQVIQETCERRNHIDRALDATEILGILHSCLNPLIYAFIGQKFRHGLLKILAIHGLISKDSLPKDS
RPSFVGSSSGHTSTTL
;
R,C
#
# COMPACT_ATOMS: atom_id res chain seq x y z
N GLU A 10 4.79 8.19 -15.81
CA GLU A 10 4.15 7.88 -17.08
C GLU A 10 3.44 6.53 -17.02
N LEU A 11 2.20 6.50 -17.47
CA LEU A 11 1.44 5.25 -17.49
C LEU A 11 1.94 4.34 -18.59
N ARG A 12 2.00 3.05 -18.30
CA ARG A 12 2.53 2.06 -19.22
C ARG A 12 1.67 0.80 -19.18
N CYS A 13 1.80 -0.01 -20.23
CA CYS A 13 1.09 -1.28 -20.27
C CYS A 13 1.60 -2.19 -19.16
N VAL A 14 0.72 -3.09 -18.72
CA VAL A 14 1.03 -3.97 -17.60
C VAL A 14 1.54 -5.33 -18.03
N CYS A 15 1.43 -5.67 -19.32
CA CYS A 15 1.76 -7.00 -19.81
C CYS A 15 2.68 -6.87 -21.01
N LEU A 16 3.96 -7.16 -20.80
CA LEU A 16 4.95 -7.12 -21.87
C LEU A 16 4.88 -8.33 -22.78
N GLN A 17 4.82 -9.53 -22.21
CA GLN A 17 4.67 -10.76 -22.97
C GLN A 17 3.51 -11.54 -22.41
N THR A 18 2.94 -12.43 -23.24
CA THR A 18 1.67 -13.06 -22.94
C THR A 18 1.79 -14.57 -22.99
N THR A 19 0.91 -15.23 -22.24
CA THR A 19 0.81 -16.67 -22.19
C THR A 19 -0.61 -17.10 -22.55
N GLN A 20 -0.73 -18.27 -23.17
CA GLN A 20 -2.02 -18.78 -23.62
C GLN A 20 -2.44 -20.06 -22.90
N GLY A 21 -1.56 -20.65 -22.10
CA GLY A 21 -1.86 -21.93 -21.48
C GLY A 21 -1.74 -21.93 -19.97
N VAL A 22 -2.88 -22.10 -19.29
CA VAL A 22 -2.92 -22.20 -17.83
C VAL A 22 -4.15 -23.02 -17.46
N HIS A 23 -3.99 -23.89 -16.47
CA HIS A 23 -5.10 -24.74 -16.06
C HIS A 23 -6.14 -23.88 -15.33
N PRO A 24 -7.42 -23.93 -15.72
CA PRO A 24 -8.41 -23.07 -15.08
C PRO A 24 -8.52 -23.28 -13.58
N LYS A 25 -8.31 -24.50 -13.09
CA LYS A 25 -8.50 -24.80 -11.67
C LYS A 25 -7.55 -24.04 -10.78
N MET A 26 -6.47 -23.49 -11.33
CA MET A 26 -5.48 -22.75 -10.56
C MET A 26 -5.75 -21.27 -10.51
N ILE A 27 -6.79 -20.79 -11.19
CA ILE A 27 -7.04 -19.36 -11.32
C ILE A 27 -7.93 -18.90 -10.17
N SER A 28 -7.56 -17.80 -9.54
CA SER A 28 -8.36 -17.18 -8.50
C SER A 28 -8.93 -15.83 -8.90
N ASN A 29 -8.19 -15.02 -9.65
CA ASN A 29 -8.67 -13.70 -10.03
C ASN A 29 -8.35 -13.44 -11.51
N LEU A 30 -9.28 -12.76 -12.17
CA LEU A 30 -9.10 -12.27 -13.54
C LEU A 30 -9.40 -10.78 -13.54
N GLN A 31 -8.37 -9.97 -13.77
CA GLN A 31 -8.51 -8.52 -13.83
C GLN A 31 -8.36 -8.08 -15.28
N VAL A 32 -9.37 -7.41 -15.81
CA VAL A 32 -9.40 -7.01 -17.20
C VAL A 32 -9.23 -5.50 -17.29
N PHE A 33 -8.19 -5.05 -17.98
CA PHE A 33 -7.99 -3.64 -18.29
C PHE A 33 -8.37 -3.42 -19.74
N ALA A 34 -9.33 -2.51 -19.94
CA ALA A 34 -9.83 -2.17 -21.26
C ALA A 34 -8.95 -1.13 -21.91
N ILE A 35 -9.20 -0.90 -23.21
CA ILE A 35 -8.38 0.04 -23.96
C ILE A 35 -8.56 1.43 -23.38
N GLY A 36 -7.44 2.11 -23.14
CA GLY A 36 -7.45 3.42 -22.55
C GLY A 36 -6.10 4.09 -22.61
N PRO A 37 -5.94 5.17 -21.87
CA PRO A 37 -4.64 5.87 -21.85
C PRO A 37 -3.49 4.99 -21.41
N GLN A 38 -3.74 4.05 -20.50
CA GLN A 38 -2.66 3.23 -19.97
C GLN A 38 -2.00 2.42 -21.07
N CYS A 39 -2.80 1.79 -21.92
CA CYS A 39 -2.30 0.93 -22.97
C CYS A 39 -3.25 0.96 -24.15
N SER A 40 -2.73 0.57 -25.32
CA SER A 40 -3.50 0.56 -26.54
C SER A 40 -4.22 -0.76 -26.78
N LYS A 41 -3.95 -1.78 -25.96
CA LYS A 41 -4.53 -3.10 -26.15
C LYS A 41 -5.17 -3.57 -24.85
N VAL A 42 -6.24 -4.35 -24.98
CA VAL A 42 -6.84 -4.97 -23.81
C VAL A 42 -5.82 -5.89 -23.17
N GLU A 43 -5.89 -6.02 -21.85
CA GLU A 43 -4.96 -6.91 -21.15
C GLU A 43 -5.62 -7.55 -19.96
N VAL A 44 -5.49 -8.86 -19.85
CA VAL A 44 -6.11 -9.65 -18.78
C VAL A 44 -5.00 -10.24 -17.93
N VAL A 45 -5.10 -10.02 -16.64
CA VAL A 45 -4.14 -10.51 -15.66
C VAL A 45 -4.80 -11.58 -14.81
N ALA A 46 -4.16 -12.74 -14.73
CA ALA A 46 -4.66 -13.87 -13.96
C ALA A 46 -3.80 -14.03 -12.73
N SER A 47 -4.42 -13.94 -11.56
CA SER A 47 -3.75 -14.18 -10.29
C SER A 47 -4.15 -15.55 -9.80
N LEU A 48 -3.15 -16.40 -9.56
CA LEU A 48 -3.34 -17.80 -9.26
C LEU A 48 -3.36 -18.03 -7.75
N LYS A 49 -3.73 -19.25 -7.36
CA LYS A 49 -3.70 -19.61 -5.96
C LYS A 49 -2.28 -19.66 -5.40
N ASN A 50 -1.29 -19.88 -6.28
CA ASN A 50 0.09 -19.94 -5.82
C ASN A 50 0.59 -18.59 -5.30
N GLY A 51 -0.12 -17.52 -5.61
CA GLY A 51 0.34 -16.18 -5.29
C GLY A 51 1.06 -15.48 -6.41
N LYS A 52 1.23 -16.12 -7.56
CA LYS A 52 1.90 -15.54 -8.70
C LYS A 52 0.88 -14.86 -9.62
N GLU A 53 1.39 -14.24 -10.67
CA GLU A 53 0.56 -13.51 -11.62
C GLU A 53 1.02 -13.84 -13.04
N ILE A 54 0.06 -13.88 -13.96
CA ILE A 54 0.32 -14.16 -15.37
C ILE A 54 -0.51 -13.18 -16.20
N CYS A 55 -0.09 -13.00 -17.45
CA CYS A 55 -0.80 -12.14 -18.41
C CYS A 55 -1.30 -13.04 -19.53
N LEU A 56 -2.63 -13.18 -19.62
CA LEU A 56 -3.20 -14.05 -20.63
C LEU A 56 -3.36 -13.33 -21.96
N ASP A 57 -3.63 -14.11 -23.00
CA ASP A 57 -3.86 -13.55 -24.33
C ASP A 57 -5.31 -13.12 -24.46
N PRO A 58 -5.61 -11.84 -24.64
CA PRO A 58 -7.02 -11.42 -24.76
C PRO A 58 -7.76 -12.09 -25.91
N GLU A 59 -7.08 -12.35 -27.01
CA GLU A 59 -7.74 -12.80 -28.24
C GLU A 59 -7.79 -14.31 -28.37
N ALA A 60 -7.24 -15.05 -27.41
CA ALA A 60 -7.27 -16.50 -27.50
C ALA A 60 -8.65 -17.04 -27.10
N PRO A 61 -9.05 -18.20 -27.64
CA PRO A 61 -10.31 -18.81 -27.20
C PRO A 61 -10.31 -19.20 -25.74
N PHE A 62 -9.13 -19.37 -25.15
CA PHE A 62 -9.04 -19.88 -23.78
C PHE A 62 -9.70 -18.94 -22.78
N LEU A 63 -9.54 -17.64 -22.98
CA LEU A 63 -10.02 -16.66 -22.02
C LEU A 63 -11.54 -16.72 -21.87
N LYS A 64 -12.26 -16.82 -23.00
CA LYS A 64 -13.71 -16.82 -22.95
C LYS A 64 -14.23 -18.02 -22.20
N LYS A 65 -13.68 -19.20 -22.49
CA LYS A 65 -14.11 -20.42 -21.78
C LYS A 65 -13.80 -20.30 -20.31
N VAL A 66 -12.64 -19.75 -19.97
CA VAL A 66 -12.28 -19.60 -18.56
C VAL A 66 -13.29 -18.70 -17.86
N ILE A 67 -13.62 -17.56 -18.46
CA ILE A 67 -14.57 -16.64 -17.84
C ILE A 67 -15.93 -17.30 -17.68
N GLN A 68 -16.38 -18.02 -18.71
CA GLN A 68 -17.68 -18.68 -18.61
C GLN A 68 -17.69 -19.70 -17.48
N LYS A 69 -16.61 -20.47 -17.35
CA LYS A 69 -16.56 -21.45 -16.26
C LYS A 69 -16.57 -20.76 -14.90
N ILE A 70 -15.81 -19.68 -14.75
CA ILE A 70 -15.72 -19.03 -13.46
C ILE A 70 -17.06 -18.44 -13.02
N LEU A 71 -17.88 -17.99 -13.96
CA LEU A 71 -19.16 -17.40 -13.65
C LEU A 71 -20.26 -18.44 -13.53
N ASP A 72 -19.91 -19.72 -13.64
CA ASP A 72 -20.88 -20.80 -13.56
C ASP A 72 -20.33 -21.89 -12.65
N GLY A 73 -19.74 -21.49 -11.53
CA GLY A 73 -19.20 -22.47 -10.60
C GLY A 73 -20.25 -23.43 -10.09
N GLY A 74 -21.44 -22.91 -9.79
CA GLY A 74 -22.54 -23.74 -9.32
C GLY A 74 -23.35 -24.32 -10.47
N PRO B 87 8.43 -22.57 -13.21
CA PRO B 87 8.34 -23.01 -14.61
C PRO B 87 8.73 -21.90 -15.59
N PHE B 88 8.33 -22.06 -16.85
CA PHE B 88 8.59 -21.06 -17.88
C PHE B 88 7.59 -19.91 -17.85
N LEU B 89 6.54 -20.01 -17.03
CA LEU B 89 5.56 -18.93 -16.96
C LEU B 89 6.16 -17.65 -16.39
N LEU B 90 7.28 -17.77 -15.67
CA LEU B 90 7.91 -16.59 -15.10
C LEU B 90 8.31 -15.60 -16.18
N ASP B 91 8.52 -16.07 -17.41
CA ASP B 91 8.80 -15.17 -18.51
C ASP B 91 7.65 -14.19 -18.72
N ALA B 92 6.42 -14.68 -18.61
CA ALA B 92 5.22 -13.86 -18.78
C ALA B 92 4.73 -13.48 -17.38
N ALA B 93 5.02 -12.25 -16.97
CA ALA B 93 4.60 -11.75 -15.68
C ALA B 93 4.47 -10.24 -15.72
N PRO B 94 3.49 -9.66 -15.04
CA PRO B 94 3.37 -8.21 -15.00
C PRO B 94 4.61 -7.55 -14.41
N CYS B 95 4.94 -6.37 -14.94
CA CYS B 95 6.05 -5.57 -14.44
C CYS B 95 5.47 -4.59 -13.42
N GLU B 96 5.71 -4.86 -12.14
CA GLU B 96 5.13 -4.04 -11.09
C GLU B 96 5.79 -2.66 -11.08
N PRO B 97 5.03 -1.58 -11.25
CA PRO B 97 5.62 -0.25 -11.09
C PRO B 97 6.11 -0.03 -9.67
N GLU B 98 7.20 0.72 -9.54
CA GLU B 98 7.88 0.89 -8.28
C GLU B 98 8.05 2.37 -7.97
N SER B 99 7.79 2.74 -6.71
CA SER B 99 8.00 4.10 -6.24
C SER B 99 8.35 4.03 -4.76
N LEU B 100 9.09 5.04 -4.29
CA LEU B 100 9.59 5.08 -2.92
C LEU B 100 9.25 6.41 -2.28
N GLU B 101 9.08 6.39 -0.96
CA GLU B 101 8.69 7.58 -0.21
C GLU B 101 9.88 8.50 0.04
N ILE B 102 11.09 7.96 0.08
CA ILE B 102 12.27 8.80 0.26
C ILE B 102 12.41 9.75 -0.92
N ASN B 103 12.21 9.24 -2.12
CA ASN B 103 12.20 10.11 -3.30
C ASN B 103 11.09 11.15 -3.21
N LYS B 104 9.94 10.76 -2.67
CA LYS B 104 8.85 11.70 -2.48
C LYS B 104 9.29 12.88 -1.61
N TYR B 105 9.87 12.57 -0.45
CA TYR B 105 10.29 13.60 0.49
C TYR B 105 11.36 14.49 -0.13
N PHE B 106 12.35 13.89 -0.78
CA PHE B 106 13.41 14.65 -1.43
C PHE B 106 12.83 15.57 -2.50
N VAL B 107 11.90 15.04 -3.29
CA VAL B 107 11.30 15.82 -4.37
C VAL B 107 10.55 17.01 -3.82
N VAL B 108 9.79 16.80 -2.74
CA VAL B 108 9.04 17.91 -2.15
C VAL B 108 10.00 18.99 -1.68
N ILE B 109 11.09 18.58 -1.01
CA ILE B 109 12.05 19.56 -0.49
C ILE B 109 12.64 20.37 -1.66
N ILE B 110 13.05 19.67 -2.72
CA ILE B 110 13.67 20.35 -3.85
C ILE B 110 12.70 21.32 -4.49
N TYR B 111 11.45 20.86 -4.70
CA TYR B 111 10.46 21.71 -5.34
C TYR B 111 10.17 22.96 -4.53
N ALA B 112 10.04 22.82 -3.21
CA ALA B 112 9.78 23.98 -2.37
C ALA B 112 10.95 24.96 -2.40
N LEU B 113 12.18 24.45 -2.31
CA LEU B 113 13.34 25.32 -2.35
C LEU B 113 13.41 26.07 -3.67
N VAL B 114 13.15 25.36 -4.78
CA VAL B 114 13.17 26.00 -6.09
C VAL B 114 12.08 27.06 -6.18
N PHE B 115 10.89 26.76 -5.66
CA PHE B 115 9.80 27.72 -5.64
C PHE B 115 10.25 29.01 -4.99
N LEU B 116 10.81 28.89 -3.78
CA LEU B 116 11.22 30.08 -3.03
C LEU B 116 12.28 30.86 -3.80
N LEU B 117 13.31 30.16 -4.29
CA LEU B 117 14.41 30.85 -4.95
C LEU B 117 13.94 31.55 -6.22
N SER B 118 13.16 30.87 -7.04
CA SER B 118 12.68 31.45 -8.29
C SER B 118 11.80 32.65 -8.02
N LEU B 119 10.89 32.52 -7.04
CA LEU B 119 10.03 33.64 -6.69
C LEU B 119 10.86 34.86 -6.31
N LEU B 120 11.83 34.64 -5.42
CA LEU B 120 12.67 35.75 -4.96
C LEU B 120 13.40 36.41 -6.12
N GLY B 121 14.08 35.60 -6.93
CA GLY B 121 14.88 36.16 -8.01
C GLY B 121 14.05 36.90 -9.04
N ASN B 122 12.95 36.28 -9.48
CA ASN B 122 12.11 36.92 -10.47
C ASN B 122 11.49 38.21 -9.94
N SER B 123 11.03 38.20 -8.69
CA SER B 123 10.47 39.41 -8.11
C SER B 123 11.51 40.51 -8.04
N LEU B 124 12.74 40.18 -7.64
CA LEU B 124 13.78 41.20 -7.58
C LEU B 124 14.06 41.77 -8.96
N VAL B 125 14.13 40.91 -9.97
CA VAL B 125 14.43 41.38 -11.32
C VAL B 125 13.33 42.33 -11.78
N MET B 126 12.07 41.93 -11.60
CA MET B 126 10.96 42.77 -12.03
C MET B 126 10.98 44.10 -11.29
N LEU B 127 11.24 44.06 -9.99
CA LEU B 127 11.30 45.28 -9.20
C LEU B 127 12.36 46.23 -9.74
N VAL B 128 13.57 45.70 -9.96
CA VAL B 128 14.67 46.55 -10.41
C VAL B 128 14.33 47.16 -11.76
N ILE B 129 13.78 46.35 -12.67
CA ILE B 129 13.52 46.83 -14.02
C ILE B 129 12.42 47.88 -14.03
N LEU B 130 11.36 47.66 -13.25
CA LEU B 130 10.18 48.53 -13.31
C LEU B 130 10.25 49.74 -12.41
N TYR B 131 11.11 49.74 -11.38
CA TYR B 131 11.14 50.86 -10.46
C TYR B 131 11.57 52.14 -11.17
N SER B 132 12.58 52.04 -12.04
CA SER B 132 13.09 53.18 -12.79
C SER B 132 12.88 52.93 -14.28
N ARG B 133 12.25 53.89 -14.95
CA ARG B 133 12.05 53.84 -16.38
C ARG B 133 13.25 54.39 -17.16
N VAL B 134 14.30 54.82 -16.45
CA VAL B 134 15.50 55.28 -17.13
C VAL B 134 16.28 54.07 -17.64
N GLY B 135 16.82 54.21 -18.85
CA GLY B 135 17.57 53.11 -19.44
C GLY B 135 16.74 51.87 -19.70
N ARG B 136 15.52 52.04 -20.18
CA ARG B 136 14.67 50.91 -20.56
C ARG B 136 15.08 50.46 -21.96
N SER B 137 15.94 49.47 -22.02
CA SER B 137 16.48 48.98 -23.28
C SER B 137 15.81 47.66 -23.66
N VAL B 138 16.20 47.14 -24.82
CA VAL B 138 15.61 45.90 -25.33
C VAL B 138 15.86 44.75 -24.37
N THR B 139 17.09 44.65 -23.86
CA THR B 139 17.42 43.57 -22.94
C THR B 139 16.53 43.61 -21.71
N ASP B 140 16.18 44.82 -21.26
CA ASP B 140 15.30 44.95 -20.10
C ASP B 140 13.94 44.33 -20.39
N VAL B 141 13.40 44.59 -21.58
CA VAL B 141 12.10 44.04 -21.96
C VAL B 141 12.16 42.52 -22.01
N TYR B 142 13.20 41.99 -22.65
CA TYR B 142 13.32 40.55 -22.75
C TYR B 142 13.42 39.91 -21.37
N LEU B 143 14.22 40.50 -20.49
CA LEU B 143 14.36 39.98 -19.14
C LEU B 143 13.05 40.07 -18.38
N LEU B 144 12.29 41.14 -18.61
CA LEU B 144 10.99 41.29 -17.94
C LEU B 144 10.06 40.15 -18.32
N ASN B 145 9.92 39.88 -19.61
CA ASN B 145 9.05 38.80 -20.04
C ASN B 145 9.56 37.45 -19.52
N LEU B 146 10.86 37.23 -19.58
CA LEU B 146 11.43 35.98 -19.11
C LEU B 146 11.15 35.77 -17.62
N ALA B 147 11.33 36.82 -16.82
CA ALA B 147 11.09 36.73 -15.39
C ALA B 147 9.62 36.45 -15.11
N LEU B 148 8.73 37.09 -15.87
CA LEU B 148 7.31 36.82 -15.71
C LEU B 148 7.01 35.35 -15.95
N ALA B 149 7.56 34.80 -17.03
CA ALA B 149 7.32 33.40 -17.36
C ALA B 149 7.83 32.49 -16.25
N ASP B 150 9.06 32.72 -15.80
CA ASP B 150 9.63 31.89 -14.75
C ASP B 150 8.83 32.01 -13.46
N LEU B 151 8.34 33.21 -13.15
CA LEU B 151 7.54 33.40 -11.95
C LEU B 151 6.25 32.59 -12.02
N LEU B 152 5.58 32.61 -13.17
CA LEU B 152 4.37 31.81 -13.31
C LEU B 152 4.68 30.32 -13.18
N PHE B 153 5.78 29.87 -13.78
CA PHE B 153 6.18 28.47 -13.65
C PHE B 153 6.39 28.09 -12.18
N ALA B 154 7.10 28.93 -11.44
CA ALA B 154 7.33 28.67 -10.03
C ALA B 154 6.01 28.66 -9.26
N LEU B 155 5.11 29.58 -9.59
CA LEU B 155 3.81 29.63 -8.93
C LEU B 155 3.02 28.36 -9.16
N THR B 156 3.17 27.74 -10.33
CA THR B 156 2.49 26.48 -10.61
C THR B 156 3.18 25.27 -9.99
N LEU B 157 4.47 25.36 -9.69
CA LEU B 157 5.23 24.20 -9.19
C LEU B 157 4.59 23.48 -8.02
N PRO B 158 4.16 24.17 -6.96
CA PRO B 158 3.75 23.48 -5.73
C PRO B 158 2.66 22.43 -5.93
N ILE B 159 1.69 22.75 -6.78
CA ILE B 159 0.62 21.79 -7.05
C ILE B 159 1.18 20.55 -7.74
N TRP B 160 2.14 20.76 -8.65
CA TRP B 160 2.81 19.62 -9.26
C TRP B 160 3.53 18.77 -8.21
N ALA B 161 4.17 19.42 -7.25
CA ALA B 161 4.84 18.67 -6.18
C ALA B 161 3.85 17.85 -5.38
N ALA B 162 2.71 18.45 -5.03
CA ALA B 162 1.69 17.71 -4.27
C ALA B 162 1.15 16.55 -5.08
N SER B 163 0.97 16.74 -6.38
CA SER B 163 0.53 15.65 -7.24
C SER B 163 1.54 14.52 -7.25
N LYS B 164 2.83 14.86 -7.38
CA LYS B 164 3.86 13.83 -7.31
C LYS B 164 3.83 13.11 -5.97
N VAL B 165 3.46 13.83 -4.92
CA VAL B 165 3.35 13.22 -3.59
C VAL B 165 2.23 12.19 -3.55
N ASN B 166 0.99 12.61 -3.80
CA ASN B 166 -0.16 11.74 -3.59
C ASN B 166 -1.07 11.62 -4.81
N GLY B 167 -0.68 12.16 -5.96
CA GLY B 167 -1.49 12.11 -7.16
C GLY B 167 -2.41 13.31 -7.26
N TRP B 168 -3.11 13.38 -8.39
CA TRP B 168 -4.00 14.50 -8.70
C TRP B 168 -5.34 14.26 -8.04
N ILE B 169 -5.55 14.90 -6.90
CA ILE B 169 -6.82 14.85 -6.18
C ILE B 169 -7.58 16.17 -6.31
N PHE B 170 -7.02 17.12 -7.05
CA PHE B 170 -7.53 18.48 -7.10
C PHE B 170 -8.58 18.69 -8.17
N GLY B 171 -8.80 17.71 -9.04
CA GLY B 171 -9.86 17.80 -10.03
C GLY B 171 -9.32 17.99 -11.44
N THR B 172 -10.24 17.86 -12.40
CA THR B 172 -9.86 17.95 -13.81
C THR B 172 -9.57 19.40 -14.21
N PHE B 173 -10.38 20.34 -13.75
CA PHE B 173 -10.25 21.73 -14.18
C PHE B 173 -8.86 22.27 -13.83
N LEU B 174 -8.42 22.03 -12.59
CA LEU B 174 -7.10 22.48 -12.18
C LEU B 174 -6.01 21.78 -12.97
N CYS B 175 -6.18 20.48 -13.25
CA CYS B 175 -5.21 19.79 -14.10
C CYS B 175 -5.05 20.52 -15.42
N LYS B 176 -6.17 20.82 -16.09
CA LYS B 176 -6.11 21.50 -17.37
C LYS B 176 -5.41 22.84 -17.24
N VAL B 177 -5.86 23.67 -16.30
CA VAL B 177 -5.37 25.04 -16.20
C VAL B 177 -3.88 25.05 -15.86
N VAL B 178 -3.49 24.26 -14.87
CA VAL B 178 -2.10 24.25 -14.43
C VAL B 178 -1.19 23.73 -15.53
N SER B 179 -1.60 22.65 -16.21
CA SER B 179 -0.77 22.14 -17.29
C SER B 179 -0.62 23.18 -18.40
N LEU B 180 -1.72 23.86 -18.75
CA LEU B 180 -1.64 24.91 -19.75
C LEU B 180 -0.63 25.98 -19.35
N LEU B 181 -0.77 26.49 -18.12
CA LEU B 181 0.10 27.59 -17.69
C LEU B 181 1.56 27.15 -17.68
N LYS B 182 1.83 25.96 -17.16
CA LYS B 182 3.20 25.47 -17.07
C LYS B 182 3.82 25.34 -18.46
N GLU B 183 3.11 24.69 -19.39
CA GLU B 183 3.67 24.46 -20.71
C GLU B 183 3.86 25.77 -21.45
N VAL B 184 2.90 26.69 -21.32
CA VAL B 184 3.02 27.99 -21.97
C VAL B 184 4.27 28.70 -21.47
N ASN B 185 4.48 28.73 -20.16
CA ASN B 185 5.62 29.46 -19.62
C ASN B 185 6.93 28.80 -20.01
N PHE B 186 6.97 27.47 -20.05
CA PHE B 186 8.19 26.78 -20.47
C PHE B 186 8.55 27.14 -21.91
N TYR B 187 7.58 27.04 -22.82
CA TYR B 187 7.83 27.40 -24.21
C TYR B 187 8.27 28.85 -24.32
N SER B 188 7.60 29.75 -23.59
CA SER B 188 7.94 31.17 -23.67
C SER B 188 9.36 31.42 -23.19
N GLY B 189 9.76 30.78 -22.09
CA GLY B 189 11.12 30.96 -21.60
C GLY B 189 12.15 30.53 -22.62
N ILE B 190 11.94 29.35 -23.22
CA ILE B 190 12.90 28.87 -24.21
C ILE B 190 13.00 29.83 -25.39
N LEU B 191 11.84 30.22 -25.93
CA LEU B 191 11.85 31.08 -27.11
C LEU B 191 12.44 32.44 -26.80
N LEU B 192 12.23 32.94 -25.58
CA LEU B 192 12.82 34.22 -25.20
C LEU B 192 14.33 34.11 -25.08
N LEU B 193 14.83 32.97 -24.59
CA LEU B 193 16.28 32.77 -24.59
C LEU B 193 16.83 32.83 -26.01
N ALA B 194 16.15 32.16 -26.93
CA ALA B 194 16.59 32.19 -28.33
C ALA B 194 16.58 33.61 -28.88
N CYS B 195 15.52 34.36 -28.59
CA CYS B 195 15.42 35.73 -29.09
C CYS B 195 16.50 36.62 -28.48
N ILE B 196 16.85 36.40 -27.21
CA ILE B 196 17.96 37.13 -26.61
C ILE B 196 19.26 36.84 -27.34
N SER B 197 19.48 35.57 -27.66
CA SER B 197 20.67 35.22 -28.42
C SER B 197 20.69 35.95 -29.75
N VAL B 198 19.55 36.01 -30.43
CA VAL B 198 19.46 36.70 -31.70
C VAL B 198 19.77 38.19 -31.53
N ASP B 199 19.25 38.80 -30.46
CA ASP B 199 19.50 40.21 -30.23
C ASP B 199 21.00 40.47 -30.04
N ARG B 200 21.66 39.60 -29.27
CA ARG B 200 23.09 39.79 -29.05
C ARG B 200 23.87 39.62 -30.35
N TYR B 201 23.50 38.62 -31.15
CA TYR B 201 24.14 38.44 -32.45
C TYR B 201 23.99 39.68 -33.31
N LEU B 202 22.78 40.22 -33.37
CA LEU B 202 22.56 41.41 -34.19
C LEU B 202 23.34 42.60 -33.65
N ALA B 203 23.47 42.69 -32.33
CA ALA B 203 24.09 43.86 -31.73
C ALA B 203 25.61 43.84 -31.91
N ILE B 204 26.21 42.66 -31.93
CA ILE B 204 27.67 42.54 -31.99
C ILE B 204 28.17 42.36 -33.42
N VAL B 205 27.78 41.27 -34.06
CA VAL B 205 28.31 40.98 -35.39
C VAL B 205 27.89 42.04 -36.39
N HIS B 206 26.60 42.38 -36.41
CA HIS B 206 26.04 43.34 -37.34
C HIS B 206 25.90 44.72 -36.70
N ALA B 207 26.83 45.07 -35.82
CA ALA B 207 26.75 46.35 -35.12
C ALA B 207 26.83 47.52 -36.09
N THR B 208 27.78 47.47 -37.02
CA THR B 208 28.04 48.56 -37.94
C THR B 208 27.12 48.54 -39.14
N ARG B 209 26.35 47.48 -39.34
CA ARG B 209 25.50 47.33 -40.52
C ARG B 209 24.15 47.98 -40.25
N THR B 210 23.24 47.88 -41.22
CA THR B 210 21.89 48.42 -41.10
C THR B 210 20.90 47.43 -40.52
N LEU B 211 21.29 46.18 -40.33
CA LEU B 211 20.37 45.17 -39.80
C LEU B 211 20.11 45.37 -38.32
N THR B 212 21.04 45.99 -37.58
CA THR B 212 20.89 46.16 -36.15
C THR B 212 19.72 47.05 -35.79
N GLN B 213 19.16 47.79 -36.75
CA GLN B 213 17.99 48.61 -36.52
C GLN B 213 16.71 47.78 -36.45
N LYS B 214 16.80 46.48 -36.71
CA LYS B 214 15.65 45.59 -36.60
C LYS B 214 15.53 44.97 -35.22
N ARG B 215 16.36 45.38 -34.27
CA ARG B 215 16.29 44.89 -32.89
C ARG B 215 15.50 45.82 -31.98
N TYR B 216 14.80 46.81 -32.55
CA TYR B 216 13.91 47.68 -31.79
C TYR B 216 12.47 47.20 -31.82
N LEU B 217 12.23 45.98 -32.31
CA LEU B 217 10.90 45.39 -32.39
C LEU B 217 10.62 44.43 -31.25
N VAL B 218 11.16 44.71 -30.07
CA VAL B 218 11.05 43.78 -28.95
C VAL B 218 9.59 43.52 -28.61
N LYS B 219 8.77 44.58 -28.60
CA LYS B 219 7.39 44.43 -28.17
C LYS B 219 6.64 43.45 -29.06
N PHE B 220 6.71 43.64 -30.37
CA PHE B 220 6.01 42.76 -31.29
C PHE B 220 6.56 41.35 -31.23
N ILE B 221 7.88 41.20 -31.12
CA ILE B 221 8.48 39.88 -31.08
C ILE B 221 8.02 39.12 -29.85
N CYS B 222 8.05 39.78 -28.69
CA CYS B 222 7.62 39.12 -27.46
C CYS B 222 6.14 38.77 -27.51
N LEU B 223 5.32 39.67 -28.06
CA LEU B 223 3.90 39.37 -28.20
C LEU B 223 3.69 38.14 -29.07
N SER B 224 4.41 38.07 -30.20
CA SER B 224 4.28 36.92 -31.08
C SER B 224 4.75 35.64 -30.39
N ILE B 225 5.81 35.75 -29.59
CA ILE B 225 6.32 34.58 -28.87
C ILE B 225 5.28 34.08 -27.88
N TRP B 226 4.66 34.98 -27.14
CA TRP B 226 3.63 34.58 -26.20
C TRP B 226 2.44 33.96 -26.92
N GLY B 227 2.04 34.54 -28.06
CA GLY B 227 0.94 33.95 -28.81
C GLY B 227 1.27 32.56 -29.32
N LEU B 228 2.50 32.37 -29.81
CA LEU B 228 2.90 31.06 -30.31
C LEU B 228 2.95 30.04 -29.18
N SER B 229 3.44 30.46 -28.01
CA SER B 229 3.44 29.57 -26.86
C SER B 229 2.03 29.17 -26.48
N LEU B 230 1.11 30.12 -26.49
CA LEU B 230 -0.29 29.79 -26.21
C LEU B 230 -0.83 28.81 -27.24
N LEU B 231 -0.49 29.01 -28.50
CA LEU B 231 -0.98 28.13 -29.57
C LEU B 231 -0.46 26.72 -29.39
N LEU B 232 0.80 26.58 -28.99
CA LEU B 232 1.41 25.26 -28.89
C LEU B 232 0.98 24.48 -27.66
N ALA B 233 0.28 25.11 -26.71
CA ALA B 233 -0.13 24.45 -25.48
C ALA B 233 -1.63 24.15 -25.45
N LEU B 234 -2.35 24.43 -26.53
CA LEU B 234 -3.77 24.10 -26.59
C LEU B 234 -3.99 22.61 -26.41
N PRO B 235 -3.18 21.75 -27.04
CA PRO B 235 -3.42 20.31 -26.91
C PRO B 235 -3.47 19.85 -25.46
N VAL B 236 -2.64 20.43 -24.61
CA VAL B 236 -2.65 20.10 -23.19
C VAL B 236 -4.00 20.44 -22.58
N LEU B 237 -4.51 21.64 -22.84
CA LEU B 237 -5.78 22.03 -22.26
C LEU B 237 -6.92 21.16 -22.77
N LEU B 238 -6.90 20.84 -24.06
CA LEU B 238 -8.02 20.14 -24.67
C LEU B 238 -8.04 18.67 -24.27
N PHE B 239 -6.89 18.01 -24.26
CA PHE B 239 -6.82 16.56 -24.21
C PHE B 239 -6.31 16.02 -22.89
N ARG B 240 -6.41 16.78 -21.81
CA ARG B 240 -5.97 16.32 -20.50
C ARG B 240 -7.16 16.16 -19.55
N ARG B 241 -6.99 15.27 -18.59
CA ARG B 241 -8.02 14.99 -17.59
C ARG B 241 -7.38 14.19 -16.48
N THR B 242 -8.21 13.71 -15.55
CA THR B 242 -7.78 12.86 -14.47
C THR B 242 -7.90 11.41 -14.90
N VAL B 243 -6.84 10.63 -14.70
CA VAL B 243 -6.81 9.21 -15.03
C VAL B 243 -6.63 8.44 -13.74
N TYR B 244 -7.54 7.50 -13.50
CA TYR B 244 -7.54 6.64 -12.33
C TYR B 244 -7.11 5.24 -12.75
N SER B 245 -6.00 4.77 -12.21
CA SER B 245 -5.50 3.43 -12.46
C SER B 245 -5.52 2.63 -11.16
N SER B 246 -5.17 1.34 -11.25
CA SER B 246 -5.15 0.45 -10.11
C SER B 246 -3.76 0.32 -9.50
N ASN B 247 -2.74 0.08 -10.34
CA ASN B 247 -1.39 -0.06 -9.83
C ASN B 247 -0.88 1.25 -9.25
N VAL B 248 -1.25 2.38 -9.85
CA VAL B 248 -0.66 3.66 -9.53
C VAL B 248 -1.77 4.65 -9.18
N SER B 249 -1.38 5.70 -8.46
CA SER B 249 -2.28 6.75 -8.02
C SER B 249 -2.80 7.55 -9.22
N PRO B 250 -3.78 8.43 -9.02
CA PRO B 250 -4.34 9.17 -10.15
C PRO B 250 -3.30 10.12 -10.75
N ALA B 251 -3.54 10.47 -12.02
CA ALA B 251 -2.59 11.35 -12.72
C ALA B 251 -3.35 12.37 -13.56
N CYS B 252 -2.67 13.47 -13.85
CA CYS B 252 -3.15 14.52 -14.75
C CYS B 252 -2.57 14.20 -16.13
N TYR B 253 -3.13 13.17 -16.76
CA TYR B 253 -2.65 12.62 -18.00
C TYR B 253 -3.54 13.09 -19.16
N GLU B 254 -3.29 12.52 -20.33
CA GLU B 254 -3.99 12.88 -21.56
C GLU B 254 -4.93 11.76 -21.97
N ASP B 255 -6.11 12.13 -22.47
CA ASP B 255 -7.12 11.18 -22.93
C ASP B 255 -7.57 11.62 -24.32
N MET B 256 -6.84 11.16 -25.34
CA MET B 256 -7.15 11.50 -26.72
C MET B 256 -7.97 10.43 -27.42
N GLY B 257 -8.21 9.29 -26.79
CA GLY B 257 -9.05 8.25 -27.35
C GLY B 257 -8.40 6.90 -27.23
N ASN B 258 -8.83 5.98 -28.10
CA ASN B 258 -8.36 4.60 -28.02
C ASN B 258 -6.86 4.50 -28.27
N ASN B 259 -6.34 5.29 -29.20
CA ASN B 259 -4.93 5.24 -29.59
C ASN B 259 -4.13 6.34 -28.91
N THR B 260 -4.44 6.59 -27.64
CA THR B 260 -3.87 7.74 -26.95
C THR B 260 -2.35 7.68 -26.90
N ALA B 261 -1.78 6.49 -26.80
CA ALA B 261 -0.33 6.38 -26.64
C ALA B 261 0.40 6.97 -27.83
N ASN B 262 0.03 6.57 -29.05
CA ASN B 262 0.73 7.04 -30.23
C ASN B 262 0.50 8.53 -30.45
N TRP B 263 -0.72 9.01 -30.18
CA TRP B 263 -0.97 10.45 -30.30
C TRP B 263 -0.09 11.24 -29.33
N ARG B 264 0.06 10.72 -28.11
CA ARG B 264 0.94 11.37 -27.14
C ARG B 264 2.37 11.37 -27.63
N MET B 265 2.81 10.26 -28.22
CA MET B 265 4.15 10.20 -28.78
C MET B 265 4.35 11.27 -29.85
N LEU B 266 3.36 11.43 -30.74
CA LEU B 266 3.47 12.45 -31.78
C LEU B 266 3.49 13.84 -31.17
N LEU B 267 2.60 14.11 -30.21
CA LEU B 267 2.56 15.42 -29.59
C LEU B 267 3.88 15.74 -28.91
N ARG B 268 4.60 14.72 -28.46
CA ARG B 268 5.90 14.95 -27.83
C ARG B 268 6.90 15.56 -28.80
N ILE B 269 6.62 15.52 -30.10
CA ILE B 269 7.55 16.08 -31.07
C ILE B 269 7.65 17.58 -30.92
N LEU B 270 6.56 18.25 -30.56
CA LEU B 270 6.58 19.71 -30.49
C LEU B 270 7.58 20.20 -29.45
N PRO B 271 7.55 19.77 -28.19
CA PRO B 271 8.53 20.25 -27.21
C PRO B 271 9.96 19.93 -27.60
N GLN B 272 10.21 18.83 -28.30
CA GLN B 272 11.55 18.44 -28.68
C GLN B 272 12.01 19.10 -29.97
N SER B 273 11.13 19.83 -30.65
CA SER B 273 11.48 20.55 -31.88
C SER B 273 11.45 22.06 -31.66
N PHE B 274 10.36 22.59 -31.12
CA PHE B 274 10.24 24.01 -30.80
C PHE B 274 10.72 24.33 -29.39
N GLY B 275 11.22 23.33 -28.66
CA GLY B 275 11.65 23.56 -27.30
C GLY B 275 13.10 23.21 -27.06
N PHE B 276 13.66 22.31 -27.87
CA PHE B 276 15.06 21.94 -27.71
C PHE B 276 15.89 22.21 -28.96
N ILE B 277 15.48 21.65 -30.09
CA ILE B 277 16.37 21.60 -31.26
C ILE B 277 16.50 22.97 -31.89
N VAL B 278 15.37 23.58 -32.24
CA VAL B 278 15.38 24.86 -32.96
C VAL B 278 16.09 25.92 -32.11
N PRO B 279 15.68 26.11 -30.85
CA PRO B 279 16.39 27.10 -30.02
C PRO B 279 17.86 26.77 -29.84
N LEU B 280 18.20 25.49 -29.68
CA LEU B 280 19.60 25.14 -29.46
C LEU B 280 20.44 25.48 -30.69
N LEU B 281 19.93 25.15 -31.87
CA LEU B 281 20.65 25.47 -33.10
C LEU B 281 20.81 26.96 -33.27
N ILE B 282 19.73 27.72 -33.01
CA ILE B 282 19.80 29.16 -33.15
C ILE B 282 20.84 29.74 -32.20
N MET B 283 20.80 29.28 -30.94
CA MET B 283 21.73 29.77 -29.94
C MET B 283 23.16 29.44 -30.33
N LEU B 284 23.40 28.21 -30.78
CA LEU B 284 24.75 27.82 -31.15
C LEU B 284 25.27 28.65 -32.31
N PHE B 285 24.46 28.83 -33.34
CA PHE B 285 24.88 29.63 -34.49
C PHE B 285 25.22 31.05 -34.06
N CYS B 286 24.28 31.69 -33.35
CA CYS B 286 24.47 33.09 -33.00
C CYS B 286 25.67 33.28 -32.08
N TYR B 287 25.76 32.46 -31.03
CA TYR B 287 26.85 32.60 -30.08
C TYR B 287 28.20 32.21 -30.69
N GLY B 288 28.23 31.26 -31.63
CA GLY B 288 29.48 30.93 -32.27
C GLY B 288 30.00 32.06 -33.13
N PHE B 289 29.12 32.68 -33.93
CA PHE B 289 29.57 33.82 -34.71
C PHE B 289 29.94 35.00 -33.81
N THR B 290 29.21 35.17 -32.71
CA THR B 290 29.56 36.20 -31.75
C THR B 290 30.95 35.97 -31.18
N LEU B 291 31.26 34.74 -30.81
CA LEU B 291 32.58 34.42 -30.27
C LEU B 291 33.66 34.62 -31.32
N ARG B 292 33.36 34.29 -32.57
CA ARG B 292 34.33 34.48 -33.63
C ARG B 292 34.66 35.96 -33.79
N THR B 293 33.65 36.82 -33.74
CA THR B 293 33.91 38.26 -33.80
C THR B 293 34.69 38.72 -32.57
N LEU B 294 34.33 38.22 -31.39
CA LEU B 294 34.97 38.68 -30.16
C LEU B 294 36.39 38.21 -30.01
N PHE B 295 36.80 37.13 -30.67
CA PHE B 295 38.19 36.69 -30.62
C PHE B 295 39.09 37.55 -31.47
N LYS B 296 38.53 38.22 -32.48
CA LYS B 296 39.28 39.05 -33.40
C LYS B 296 39.43 40.48 -32.92
N ALA B 297 38.77 40.87 -31.84
CA ALA B 297 38.78 42.23 -31.35
C ALA B 297 39.82 42.41 -30.25
N HIS B 298 40.11 43.67 -29.94
CA HIS B 298 41.15 44.04 -28.99
C HIS B 298 40.57 44.56 -27.67
N MET B 299 39.28 44.36 -27.43
CA MET B 299 38.66 44.85 -26.20
C MET B 299 39.21 44.09 -25.00
N GLY B 300 39.41 44.81 -23.89
CA GLY B 300 39.90 44.17 -22.69
C GLY B 300 38.91 43.20 -22.08
N GLN B 301 37.62 43.50 -22.19
CA GLN B 301 36.59 42.71 -21.53
C GLN B 301 36.04 41.60 -22.42
N LYS B 302 36.77 41.22 -23.46
CA LYS B 302 36.33 40.12 -24.32
C LYS B 302 36.24 38.81 -23.57
N HIS B 303 37.23 38.54 -22.70
CA HIS B 303 37.31 37.23 -22.05
C HIS B 303 36.07 36.95 -21.20
N ARG B 304 35.63 37.94 -20.43
CA ARG B 304 34.47 37.71 -19.58
C ARG B 304 33.22 37.44 -20.42
N ALA B 305 33.10 38.12 -21.56
CA ALA B 305 31.97 37.86 -22.45
C ALA B 305 32.02 36.43 -22.98
N MET B 306 33.21 35.97 -23.39
CA MET B 306 33.36 34.60 -23.82
C MET B 306 32.92 33.64 -22.72
N ARG B 307 33.37 33.90 -21.50
CA ARG B 307 33.05 33.01 -20.38
C ARG B 307 31.54 32.99 -20.13
N VAL B 308 30.90 34.15 -20.20
CA VAL B 308 29.47 34.22 -19.95
C VAL B 308 28.70 33.46 -21.01
N ILE B 309 29.09 33.61 -22.29
CA ILE B 309 28.39 32.91 -23.35
C ILE B 309 28.54 31.40 -23.19
N PHE B 310 29.76 30.95 -22.91
CA PHE B 310 29.97 29.52 -22.69
C PHE B 310 29.14 29.04 -21.51
N ALA B 311 29.08 29.82 -20.44
CA ALA B 311 28.31 29.44 -19.27
C ALA B 311 26.84 29.30 -19.62
N VAL B 312 26.31 30.24 -20.41
CA VAL B 312 24.90 30.20 -20.77
C VAL B 312 24.61 28.92 -21.56
N VAL B 313 25.45 28.64 -22.55
CA VAL B 313 25.22 27.46 -23.39
C VAL B 313 25.31 26.19 -22.55
N LEU B 314 26.31 26.11 -21.69
CA LEU B 314 26.48 24.90 -20.88
C LEU B 314 25.32 24.73 -19.91
N ILE B 315 24.83 25.83 -19.33
CA ILE B 315 23.70 25.74 -18.41
C ILE B 315 22.47 25.23 -19.14
N PHE B 316 22.21 25.79 -20.32
CA PHE B 316 21.05 25.35 -21.09
C PHE B 316 21.16 23.87 -21.41
N LEU B 317 22.34 23.42 -21.86
CA LEU B 317 22.52 22.02 -22.18
C LEU B 317 22.30 21.15 -20.96
N LEU B 318 22.98 21.47 -19.86
CA LEU B 318 22.87 20.66 -18.65
C LEU B 318 21.42 20.58 -18.19
N CYS B 319 20.67 21.67 -18.35
CA CYS B 319 19.30 21.69 -17.85
C CYS B 319 18.37 20.86 -18.73
N TRP B 320 18.53 20.94 -20.04
CA TRP B 320 17.48 20.42 -20.94
C TRP B 320 17.87 19.15 -21.68
N LEU B 321 19.14 18.95 -22.02
CA LEU B 321 19.52 17.79 -22.82
C LEU B 321 19.15 16.47 -22.17
N PRO B 322 19.43 16.24 -20.90
CA PRO B 322 19.10 14.93 -20.30
C PRO B 322 17.62 14.58 -20.40
N TYR B 323 16.74 15.56 -20.17
CA TYR B 323 15.32 15.28 -20.19
C TYR B 323 14.88 14.83 -21.59
N ASN B 324 15.36 15.52 -22.61
CA ASN B 324 15.01 15.13 -23.98
C ASN B 324 15.64 13.80 -24.38
N LEU B 325 16.85 13.51 -23.91
CA LEU B 325 17.44 12.22 -24.20
C LEU B 325 16.63 11.09 -23.58
N VAL B 326 16.20 11.27 -22.32
CA VAL B 326 15.40 10.26 -21.66
C VAL B 326 14.05 10.12 -22.38
N LEU B 327 13.48 11.24 -22.81
CA LEU B 327 12.21 11.19 -23.52
C LEU B 327 12.36 10.43 -24.84
N LEU B 328 13.46 10.67 -25.55
CA LEU B 328 13.72 9.96 -26.80
C LEU B 328 13.89 8.47 -26.54
N ALA B 329 14.59 8.11 -25.45
CA ALA B 329 14.75 6.71 -25.11
C ALA B 329 13.41 6.06 -24.82
N ASP B 330 12.55 6.76 -24.08
CA ASP B 330 11.21 6.24 -23.81
C ASP B 330 10.42 6.05 -25.09
N THR B 331 10.50 7.01 -26.00
CA THR B 331 9.80 6.90 -27.27
C THR B 331 10.29 5.69 -28.05
N LEU B 332 11.61 5.50 -28.11
CA LEU B 332 12.16 4.35 -28.81
C LEU B 332 11.71 3.06 -28.16
N MET B 333 11.73 3.00 -26.83
CA MET B 333 11.34 1.79 -26.13
C MET B 333 9.89 1.45 -26.40
N ARG B 334 9.02 2.45 -26.43
CA ARG B 334 7.63 2.22 -26.79
C ARG B 334 7.48 1.79 -28.24
N THR B 335 8.38 2.25 -29.12
CA THR B 335 8.32 1.92 -30.54
C THR B 335 9.06 0.63 -30.87
N GLN B 336 9.60 -0.06 -29.86
CA GLN B 336 10.26 -1.36 -29.99
C GLN B 336 11.62 -1.28 -30.69
N VAL B 337 12.13 -0.09 -30.97
CA VAL B 337 13.49 0.02 -31.47
C VAL B 337 14.48 -0.51 -30.43
N ILE B 338 14.27 -0.14 -29.17
CA ILE B 338 15.01 -0.69 -28.05
C ILE B 338 14.15 -1.73 -27.36
N GLN B 339 14.74 -2.88 -27.04
CA GLN B 339 14.00 -3.94 -26.38
C GLN B 339 13.43 -3.44 -25.05
N GLU B 340 12.22 -3.88 -24.75
CA GLU B 340 11.47 -3.41 -23.58
C GLU B 340 11.58 -4.42 -22.45
N THR B 341 11.91 -3.94 -21.26
CA THR B 341 11.98 -4.77 -20.07
C THR B 341 11.60 -3.94 -18.86
N CYS B 342 11.22 -4.63 -17.79
CA CYS B 342 10.77 -3.93 -16.58
C CYS B 342 11.87 -3.08 -15.98
N GLU B 343 13.10 -3.59 -15.96
CA GLU B 343 14.21 -2.83 -15.40
C GLU B 343 14.41 -1.53 -16.16
N ARG B 344 14.36 -1.59 -17.49
CA ARG B 344 14.48 -0.38 -18.28
C ARG B 344 13.34 0.58 -18.00
N ARG B 345 12.14 0.05 -17.81
CA ARG B 345 10.99 0.91 -17.50
C ARG B 345 11.24 1.67 -16.21
N ASN B 346 11.66 0.97 -15.16
CA ASN B 346 11.88 1.63 -13.88
C ASN B 346 13.01 2.64 -13.98
N HIS B 347 14.08 2.27 -14.68
CA HIS B 347 15.21 3.19 -14.85
C HIS B 347 14.77 4.46 -15.56
N ILE B 348 13.96 4.31 -16.61
CA ILE B 348 13.53 5.46 -17.40
C ILE B 348 12.59 6.34 -16.58
N ASP B 349 11.72 5.72 -15.78
CA ASP B 349 10.82 6.53 -14.95
C ASP B 349 11.62 7.35 -13.94
N ARG B 350 12.59 6.72 -13.28
CA ARG B 350 13.43 7.45 -12.33
C ARG B 350 14.20 8.57 -13.04
N ALA B 351 14.71 8.28 -14.24
CA ALA B 351 15.46 9.28 -14.98
C ALA B 351 14.57 10.44 -15.39
N LEU B 352 13.32 10.15 -15.77
CA LEU B 352 12.38 11.21 -16.10
C LEU B 352 12.15 12.12 -14.90
N ASP B 353 11.93 11.51 -13.74
CA ASP B 353 11.72 12.32 -12.54
C ASP B 353 12.94 13.20 -12.27
N ALA B 354 14.13 12.60 -12.30
CA ALA B 354 15.34 13.35 -11.98
C ALA B 354 15.60 14.47 -12.98
N THR B 355 15.40 14.18 -14.27
CA THR B 355 15.67 15.19 -15.29
C THR B 355 14.62 16.29 -15.28
N GLU B 356 13.36 15.98 -14.96
CA GLU B 356 12.38 17.04 -14.77
C GLU B 356 12.78 17.94 -13.60
N ILE B 357 13.24 17.34 -12.51
CA ILE B 357 13.73 18.14 -11.39
C ILE B 357 14.88 19.03 -11.85
N LEU B 358 15.82 18.46 -12.60
CA LEU B 358 17.00 19.22 -13.03
C LEU B 358 16.60 20.36 -13.95
N GLY B 359 15.69 20.11 -14.89
CA GLY B 359 15.26 21.15 -15.81
C GLY B 359 14.50 22.26 -15.10
N ILE B 360 13.73 21.91 -14.07
CA ILE B 360 12.99 22.91 -13.33
C ILE B 360 13.90 23.98 -12.73
N LEU B 361 15.20 23.73 -12.66
CA LEU B 361 16.14 24.70 -12.12
C LEU B 361 16.35 25.90 -13.01
N HIS B 362 15.79 25.92 -14.21
CA HIS B 362 15.98 27.05 -15.11
C HIS B 362 15.27 28.31 -14.62
N SER B 363 14.30 28.16 -13.73
CA SER B 363 13.60 29.33 -13.19
C SER B 363 14.37 30.01 -12.08
N CYS B 364 15.39 29.36 -11.52
CA CYS B 364 16.20 29.94 -10.46
C CYS B 364 17.53 30.48 -10.95
N LEU B 365 18.08 29.95 -12.03
CA LEU B 365 19.40 30.33 -12.50
C LEU B 365 19.36 31.41 -13.58
N ASN B 366 18.26 31.55 -14.30
CA ASN B 366 18.17 32.58 -15.33
C ASN B 366 18.43 33.97 -14.79
N PRO B 367 17.84 34.40 -13.67
CA PRO B 367 18.14 35.74 -13.17
C PRO B 367 19.62 35.95 -12.89
N LEU B 368 20.32 34.92 -12.43
CA LEU B 368 21.74 35.04 -12.16
C LEU B 368 22.54 35.11 -13.44
N ILE B 369 22.22 34.25 -14.41
CA ILE B 369 23.03 34.12 -15.61
C ILE B 369 22.82 35.33 -16.53
N TYR B 370 21.57 35.69 -16.78
CA TYR B 370 21.27 36.67 -17.81
C TYR B 370 21.23 38.10 -17.30
N ALA B 371 20.78 38.33 -16.07
CA ALA B 371 20.54 39.67 -15.58
C ALA B 371 21.52 40.10 -14.50
N PHE B 372 21.61 39.34 -13.40
CA PHE B 372 22.42 39.78 -12.26
C PHE B 372 23.91 39.81 -12.55
N ILE B 373 24.36 39.25 -13.66
CA ILE B 373 25.78 39.22 -13.98
C ILE B 373 26.17 40.50 -14.68
N GLY B 374 25.20 41.40 -14.86
CA GLY B 374 25.43 42.70 -15.47
C GLY B 374 25.58 43.77 -14.40
N GLN B 375 26.54 44.68 -14.62
CA GLN B 375 26.81 45.72 -13.64
C GLN B 375 25.61 46.63 -13.46
N LYS B 376 24.89 46.91 -14.55
CA LYS B 376 23.77 47.84 -14.49
C LYS B 376 22.71 47.34 -13.51
N PHE B 377 22.37 46.05 -13.58
CA PHE B 377 21.33 45.52 -12.71
C PHE B 377 21.76 45.56 -11.25
N ARG B 378 23.01 45.21 -10.97
CA ARG B 378 23.49 45.22 -9.59
C ARG B 378 23.49 46.64 -9.03
N HIS B 379 23.94 47.61 -9.84
CA HIS B 379 23.92 49.00 -9.39
C HIS B 379 22.50 49.47 -9.13
N GLY B 380 21.57 49.11 -10.02
CA GLY B 380 20.19 49.49 -9.82
C GLY B 380 19.61 48.89 -8.56
N LEU B 381 19.92 47.62 -8.30
CA LEU B 381 19.43 46.97 -7.10
C LEU B 381 19.95 47.66 -5.85
N LEU B 382 21.26 47.96 -5.83
CA LEU B 382 21.83 48.63 -4.68
C LEU B 382 21.18 50.00 -4.47
N LYS B 383 20.91 50.71 -5.57
CA LYS B 383 20.23 52.00 -5.46
C LYS B 383 18.83 51.82 -4.89
N ILE B 384 18.09 50.81 -5.37
CA ILE B 384 16.72 50.60 -4.92
C ILE B 384 16.68 50.25 -3.45
N LEU B 385 17.68 49.52 -2.95
CA LEU B 385 17.67 49.14 -1.54
C LEU B 385 17.69 50.37 -0.64
N ALA B 386 18.07 51.51 -1.18
CA ALA B 386 18.03 52.77 -0.44
C ALA B 386 16.59 53.12 -0.05
N GLU C 10 -9.95 -12.29 9.48
CA GLU C 10 -10.88 -13.22 8.84
C GLU C 10 -11.25 -12.74 7.44
N LEU C 11 -11.18 -13.63 6.47
CA LEU C 11 -11.54 -13.27 5.10
C LEU C 11 -13.05 -13.17 4.97
N ARG C 12 -13.50 -12.18 4.19
CA ARG C 12 -14.91 -11.90 4.03
C ARG C 12 -15.20 -11.55 2.58
N CYS C 13 -16.47 -11.66 2.22
CA CYS C 13 -16.90 -11.29 0.89
C CYS C 13 -16.68 -9.80 0.66
N VAL C 14 -16.46 -9.43 -0.61
CA VAL C 14 -16.15 -8.05 -0.95
C VAL C 14 -17.36 -7.26 -1.39
N CYS C 15 -18.49 -7.90 -1.63
CA CYS C 15 -19.68 -7.24 -2.18
C CYS C 15 -20.88 -7.60 -1.32
N LEU C 16 -21.33 -6.65 -0.50
CA LEU C 16 -22.51 -6.84 0.33
C LEU C 16 -23.81 -6.72 -0.45
N GLN C 17 -23.94 -5.68 -1.27
CA GLN C 17 -25.11 -5.48 -2.11
C GLN C 17 -24.64 -5.27 -3.54
N THR C 18 -25.53 -5.54 -4.49
CA THR C 18 -25.17 -5.63 -5.88
C THR C 18 -26.01 -4.70 -6.74
N THR C 19 -25.44 -4.29 -7.86
CA THR C 19 -26.10 -3.44 -8.84
C THR C 19 -26.08 -4.13 -10.20
N GLN C 20 -27.11 -3.87 -11.00
CA GLN C 20 -27.26 -4.49 -12.31
C GLN C 20 -27.18 -3.51 -13.45
N GLY C 21 -27.19 -2.20 -13.17
CA GLY C 21 -27.24 -1.21 -14.23
C GLY C 21 -26.10 -0.21 -14.20
N VAL C 22 -25.25 -0.26 -15.21
CA VAL C 22 -24.14 0.67 -15.37
C VAL C 22 -23.82 0.78 -16.85
N HIS C 23 -23.55 2.00 -17.31
CA HIS C 23 -23.25 2.19 -18.73
C HIS C 23 -21.87 1.61 -19.03
N PRO C 24 -21.73 0.75 -20.05
CA PRO C 24 -20.43 0.13 -20.32
C PRO C 24 -19.33 1.13 -20.60
N LYS C 25 -19.64 2.28 -21.21
CA LYS C 25 -18.61 3.23 -21.61
C LYS C 25 -17.88 3.83 -20.41
N MET C 26 -18.42 3.70 -19.22
CA MET C 26 -17.81 4.24 -18.01
C MET C 26 -16.91 3.24 -17.29
N ILE C 27 -16.83 2.01 -17.77
CA ILE C 27 -16.11 0.95 -17.10
C ILE C 27 -14.66 0.94 -17.55
N SER C 28 -13.74 0.86 -16.59
CA SER C 28 -12.32 0.74 -16.87
C SER C 28 -11.74 -0.61 -16.48
N ASN C 29 -12.19 -1.19 -15.36
CA ASN C 29 -11.65 -2.46 -14.89
C ASN C 29 -12.78 -3.36 -14.43
N LEU C 30 -12.62 -4.66 -14.70
CA LEU C 30 -13.50 -5.70 -14.20
C LEU C 30 -12.64 -6.76 -13.51
N GLN C 31 -12.78 -6.86 -12.19
CA GLN C 31 -12.04 -7.83 -11.40
C GLN C 31 -13.01 -8.91 -10.95
N VAL C 32 -12.72 -10.15 -11.30
CA VAL C 32 -13.59 -11.29 -11.01
C VAL C 32 -12.95 -12.14 -9.94
N PHE C 33 -13.65 -12.31 -8.81
CA PHE C 33 -13.26 -13.24 -7.78
C PHE C 33 -14.14 -14.48 -7.88
N ALA C 34 -13.49 -15.63 -8.05
CA ALA C 34 -14.16 -16.90 -8.18
C ALA C 34 -14.47 -17.49 -6.81
N ILE C 35 -15.27 -18.55 -6.81
CA ILE C 35 -15.67 -19.17 -5.56
C ILE C 35 -14.45 -19.73 -4.86
N GLY C 36 -14.32 -19.42 -3.57
CA GLY C 36 -13.20 -19.86 -2.79
C GLY C 36 -13.40 -19.59 -1.31
N PRO C 37 -12.32 -19.71 -0.54
CA PRO C 37 -12.43 -19.45 0.90
C PRO C 37 -12.96 -18.06 1.23
N GLN C 38 -12.61 -17.06 0.42
CA GLN C 38 -13.01 -15.69 0.74
C GLN C 38 -14.52 -15.56 0.79
N CYS C 39 -15.22 -16.12 -0.19
CA CYS C 39 -16.67 -16.00 -0.30
C CYS C 39 -17.23 -17.24 -0.97
N SER C 40 -18.51 -17.47 -0.76
CA SER C 40 -19.20 -18.62 -1.32
C SER C 40 -19.80 -18.34 -2.69
N LYS C 41 -19.78 -17.10 -3.14
CA LYS C 41 -20.37 -16.70 -4.41
C LYS C 41 -19.37 -15.95 -5.26
N VAL C 42 -19.48 -16.10 -6.58
CA VAL C 42 -18.66 -15.31 -7.49
C VAL C 42 -19.00 -13.85 -7.29
N GLU C 43 -18.00 -12.97 -7.47
CA GLU C 43 -18.26 -11.54 -7.32
C GLU C 43 -17.40 -10.76 -8.30
N VAL C 44 -18.03 -9.83 -9.00
CA VAL C 44 -17.37 -9.02 -10.03
C VAL C 44 -17.41 -7.57 -9.56
N VAL C 45 -16.25 -6.94 -9.54
CA VAL C 45 -16.08 -5.56 -9.14
C VAL C 45 -15.71 -4.74 -10.35
N ALA C 46 -16.46 -3.67 -10.58
CA ALA C 46 -16.25 -2.77 -11.71
C ALA C 46 -15.69 -1.46 -11.19
N SER C 47 -14.50 -1.11 -11.66
CA SER C 47 -13.87 0.16 -11.33
C SER C 47 -14.04 1.09 -12.52
N LEU C 48 -14.64 2.24 -12.27
CA LEU C 48 -15.06 3.18 -13.31
C LEU C 48 -13.99 4.24 -13.53
N LYS C 49 -14.16 5.02 -14.59
CA LYS C 49 -13.25 6.13 -14.84
C LYS C 49 -13.37 7.23 -13.80
N ASN C 50 -14.51 7.31 -13.12
CA ASN C 50 -14.69 8.34 -12.10
C ASN C 50 -13.79 8.11 -10.89
N GLY C 51 -13.23 6.90 -10.76
CA GLY C 51 -12.46 6.54 -9.59
C GLY C 51 -13.25 5.79 -8.54
N LYS C 52 -14.53 5.55 -8.76
CA LYS C 52 -15.38 4.83 -7.82
C LYS C 52 -15.38 3.34 -8.17
N GLU C 53 -16.06 2.57 -7.34
CA GLU C 53 -16.14 1.12 -7.49
C GLU C 53 -17.57 0.67 -7.29
N ILE C 54 -17.97 -0.37 -8.02
CA ILE C 54 -19.31 -0.94 -7.93
C ILE C 54 -19.17 -2.46 -7.94
N CYS C 55 -20.20 -3.14 -7.46
CA CYS C 55 -20.27 -4.59 -7.43
C CYS C 55 -21.41 -5.03 -8.34
N LEU C 56 -21.07 -5.66 -9.46
CA LEU C 56 -22.09 -6.07 -10.41
C LEU C 56 -22.71 -7.40 -10.03
N ASP C 57 -23.82 -7.73 -10.68
CA ASP C 57 -24.49 -8.99 -10.46
C ASP C 57 -23.85 -10.07 -11.33
N PRO C 58 -23.25 -11.10 -10.75
CA PRO C 58 -22.61 -12.13 -11.59
C PRO C 58 -23.57 -12.83 -12.54
N GLU C 59 -24.82 -13.01 -12.12
CA GLU C 59 -25.76 -13.84 -12.87
C GLU C 59 -26.62 -13.04 -13.84
N ALA C 60 -26.44 -11.73 -13.91
CA ALA C 60 -27.23 -10.94 -14.84
C ALA C 60 -26.70 -11.07 -16.27
N PRO C 61 -27.56 -10.90 -17.27
CA PRO C 61 -27.07 -10.91 -18.67
C PRO C 61 -26.12 -9.77 -18.96
N PHE C 62 -26.17 -8.71 -18.17
CA PHE C 62 -25.41 -7.50 -18.47
C PHE C 62 -23.91 -7.78 -18.44
N LEU C 63 -23.45 -8.60 -17.50
CA LEU C 63 -22.03 -8.82 -17.32
C LEU C 63 -21.39 -9.47 -18.54
N LYS C 64 -22.06 -10.48 -19.12
CA LYS C 64 -21.50 -11.18 -20.26
C LYS C 64 -21.33 -10.26 -21.44
N LYS C 65 -22.36 -9.45 -21.73
CA LYS C 65 -22.27 -8.51 -22.85
C LYS C 65 -21.17 -7.50 -22.59
N VAL C 66 -21.04 -7.03 -21.36
CA VAL C 66 -19.99 -6.07 -21.05
C VAL C 66 -18.62 -6.68 -21.31
N ILE C 67 -18.39 -7.90 -20.83
CA ILE C 67 -17.11 -8.54 -21.02
C ILE C 67 -16.82 -8.74 -22.51
N GLN C 68 -17.82 -9.18 -23.27
CA GLN C 68 -17.61 -9.38 -24.69
C GLN C 68 -17.24 -8.08 -25.38
N LYS C 69 -17.92 -6.99 -25.03
CA LYS C 69 -17.59 -5.70 -25.63
C LYS C 69 -16.17 -5.28 -25.27
N ILE C 70 -15.77 -5.43 -24.00
CA ILE C 70 -14.46 -4.97 -23.58
C ILE C 70 -13.35 -5.73 -24.29
N LEU C 71 -13.55 -7.01 -24.60
CA LEU C 71 -12.54 -7.81 -25.25
C LEU C 71 -12.58 -7.67 -26.76
N ASP C 72 -13.44 -6.80 -27.28
CA ASP C 72 -13.57 -6.60 -28.71
C ASP C 72 -13.62 -5.10 -29.01
N GLY C 73 -12.74 -4.34 -28.34
CA GLY C 73 -12.72 -2.91 -28.57
C GLY C 73 -12.42 -2.55 -30.01
N GLY C 74 -11.49 -3.28 -30.63
CA GLY C 74 -11.15 -3.05 -32.02
C GLY C 74 -12.05 -3.82 -32.96
N PRO D 87 -24.83 9.53 -6.90
CA PRO D 87 -26.11 8.88 -7.19
C PRO D 87 -26.46 7.79 -6.17
N PHE D 88 -27.38 6.91 -6.52
CA PHE D 88 -27.77 5.81 -5.66
C PHE D 88 -26.81 4.63 -5.73
N LEU D 89 -25.83 4.66 -6.64
CA LEU D 89 -24.88 3.57 -6.75
C LEU D 89 -24.01 3.47 -5.50
N LEU D 90 -23.90 4.56 -4.72
CA LEU D 90 -23.09 4.53 -3.52
C LEU D 90 -23.58 3.47 -2.55
N ASP D 91 -24.85 3.09 -2.64
CA ASP D 91 -25.35 2.00 -1.80
C ASP D 91 -24.60 0.70 -2.08
N ALA D 92 -24.33 0.44 -3.36
CA ALA D 92 -23.60 -0.75 -3.78
C ALA D 92 -22.14 -0.36 -3.98
N ALA D 93 -21.30 -0.69 -3.01
CA ALA D 93 -19.89 -0.41 -3.09
C ALA D 93 -19.11 -1.40 -2.23
N PRO D 94 -17.93 -1.81 -2.67
CA PRO D 94 -17.11 -2.72 -1.86
C PRO D 94 -16.77 -2.12 -0.50
N CYS D 95 -16.71 -2.98 0.51
CA CYS D 95 -16.30 -2.59 1.84
C CYS D 95 -14.81 -2.84 1.97
N GLU D 96 -14.03 -1.77 1.93
CA GLU D 96 -12.59 -1.88 1.95
C GLU D 96 -12.12 -2.37 3.32
N PRO D 97 -11.42 -3.50 3.41
CA PRO D 97 -10.84 -3.90 4.69
C PRO D 97 -9.80 -2.89 5.14
N GLU D 98 -9.71 -2.72 6.46
CA GLU D 98 -8.88 -1.68 7.06
C GLU D 98 -7.94 -2.29 8.09
N SER D 99 -6.69 -1.85 8.07
CA SER D 99 -5.70 -2.27 9.05
C SER D 99 -4.71 -1.13 9.24
N LEU D 100 -4.10 -1.07 10.42
CA LEU D 100 -3.19 0.01 10.78
C LEU D 100 -1.88 -0.56 11.31
N GLU D 101 -0.80 0.19 11.11
CA GLU D 101 0.52 -0.26 11.51
C GLU D 101 0.76 -0.04 13.01
N ILE D 102 0.08 0.92 13.62
CA ILE D 102 0.21 1.13 15.05
C ILE D 102 -0.27 -0.10 15.81
N ASN D 103 -1.41 -0.65 15.38
CA ASN D 103 -1.88 -1.90 15.97
C ASN D 103 -0.88 -3.03 15.74
N LYS D 104 -0.24 -3.05 14.56
CA LYS D 104 0.79 -4.04 14.30
C LYS D 104 1.90 -3.98 15.34
N TYR D 105 2.44 -2.78 15.55
CA TYR D 105 3.55 -2.60 16.49
C TYR D 105 3.13 -2.97 17.90
N PHE D 106 1.95 -2.52 18.32
CA PHE D 106 1.45 -2.84 19.66
C PHE D 106 1.29 -4.34 19.82
N VAL D 107 0.74 -4.99 18.79
CA VAL D 107 0.50 -6.44 18.84
C VAL D 107 1.82 -7.18 18.99
N VAL D 108 2.82 -6.77 18.22
CA VAL D 108 4.12 -7.45 18.29
C VAL D 108 4.69 -7.31 19.70
N ILE D 109 4.60 -6.10 20.27
CA ILE D 109 5.16 -5.89 21.60
C ILE D 109 4.45 -6.78 22.62
N ILE D 110 3.12 -6.81 22.55
CA ILE D 110 2.35 -7.61 23.51
C ILE D 110 2.69 -9.08 23.36
N TYR D 111 2.75 -9.57 22.12
CA TYR D 111 3.03 -10.98 21.90
C TYR D 111 4.41 -11.37 22.42
N ALA D 112 5.42 -10.52 22.17
CA ALA D 112 6.76 -10.84 22.66
C ALA D 112 6.80 -10.84 24.18
N LEU D 113 6.17 -9.86 24.82
CA LEU D 113 6.16 -9.82 26.27
C LEU D 113 5.48 -11.06 26.85
N VAL D 114 4.35 -11.45 26.26
CA VAL D 114 3.64 -12.64 26.71
C VAL D 114 4.50 -13.88 26.52
N PHE D 115 5.19 -13.98 25.38
CA PHE D 115 6.09 -15.09 25.13
C PHE D 115 7.09 -15.22 26.27
N LEU D 116 7.77 -14.12 26.57
CA LEU D 116 8.80 -14.15 27.60
C LEU D 116 8.22 -14.56 28.95
N LEU D 117 7.11 -13.93 29.34
CA LEU D 117 6.54 -14.19 30.65
C LEU D 117 6.08 -15.63 30.78
N SER D 118 5.37 -16.14 29.77
CA SER D 118 4.86 -17.50 29.81
C SER D 118 6.00 -18.50 29.85
N LEU D 119 7.03 -18.27 29.03
CA LEU D 119 8.18 -19.17 29.04
C LEU D 119 8.80 -19.23 30.42
N LEU D 120 9.03 -18.05 31.02
CA LEU D 120 9.65 -18.01 32.34
C LEU D 120 8.81 -18.75 33.36
N GLY D 121 7.51 -18.43 33.43
CA GLY D 121 6.67 -19.02 34.45
C GLY D 121 6.54 -20.53 34.30
N ASN D 122 6.28 -21.00 33.08
CA ASN D 122 6.13 -22.43 32.86
C ASN D 122 7.43 -23.17 33.15
N SER D 123 8.56 -22.61 32.73
CA SER D 123 9.84 -23.27 33.03
C SER D 123 10.08 -23.35 34.52
N LEU D 124 9.77 -22.28 35.26
CA LEU D 124 9.96 -22.32 36.70
C LEU D 124 9.07 -23.37 37.33
N VAL D 125 7.81 -23.45 36.90
CA VAL D 125 6.89 -24.43 37.47
C VAL D 125 7.40 -25.84 37.23
N MET D 126 7.80 -26.12 35.98
CA MET D 126 8.29 -27.45 35.66
C MET D 126 9.53 -27.79 36.47
N LEU D 127 10.44 -26.82 36.60
CA LEU D 127 11.67 -27.03 37.37
C LEU D 127 11.33 -27.39 38.81
N VAL D 128 10.45 -26.60 39.43
CA VAL D 128 10.13 -26.83 40.83
C VAL D 128 9.51 -28.21 41.00
N ILE D 129 8.59 -28.56 40.11
CA ILE D 129 7.87 -29.82 40.26
C ILE D 129 8.79 -31.01 40.05
N LEU D 130 9.68 -30.94 39.07
CA LEU D 130 10.49 -32.09 38.68
C LEU D 130 11.80 -32.21 39.45
N TYR D 131 12.29 -31.14 40.08
CA TYR D 131 13.56 -31.23 40.77
C TYR D 131 13.50 -32.20 41.93
N SER D 132 12.40 -32.18 42.68
CA SER D 132 12.20 -33.06 43.83
C SER D 132 10.99 -33.95 43.57
N ARG D 133 11.19 -35.25 43.70
CA ARG D 133 10.10 -36.22 43.57
C ARG D 133 9.34 -36.42 44.87
N VAL D 134 9.73 -35.71 45.93
CA VAL D 134 9.01 -35.79 47.19
C VAL D 134 7.71 -35.00 47.08
N GLY D 135 6.64 -35.56 47.62
CA GLY D 135 5.35 -34.90 47.56
C GLY D 135 4.81 -34.72 46.15
N ARG D 136 4.96 -35.76 45.31
CA ARG D 136 4.40 -35.74 43.96
C ARG D 136 2.94 -36.14 44.06
N SER D 137 2.07 -35.14 44.13
CA SER D 137 0.64 -35.36 44.28
C SER D 137 -0.08 -35.15 42.96
N VAL D 138 -1.39 -35.36 42.98
CA VAL D 138 -2.20 -35.24 41.78
C VAL D 138 -2.12 -33.82 41.22
N THR D 139 -2.23 -32.83 42.09
CA THR D 139 -2.17 -31.44 41.64
C THR D 139 -0.87 -31.17 40.93
N ASP D 140 0.22 -31.77 41.38
CA ASP D 140 1.52 -31.59 40.73
C ASP D 140 1.47 -32.09 39.30
N VAL D 141 0.86 -33.25 39.08
CA VAL D 141 0.77 -33.81 37.74
C VAL D 141 -0.07 -32.91 36.84
N TYR D 142 -1.22 -32.46 37.35
CA TYR D 142 -2.08 -31.61 36.55
C TYR D 142 -1.36 -30.32 36.17
N LEU D 143 -0.66 -29.72 37.13
CA LEU D 143 0.08 -28.50 36.86
C LEU D 143 1.20 -28.74 35.88
N LEU D 144 1.84 -29.91 35.95
CA LEU D 144 2.91 -30.24 35.00
C LEU D 144 2.38 -30.26 33.58
N ASN D 145 1.28 -30.97 33.35
CA ASN D 145 0.70 -31.04 32.01
C ASN D 145 0.25 -29.66 31.54
N LEU D 146 -0.38 -28.90 32.44
CA LEU D 146 -0.85 -27.57 32.08
C LEU D 146 0.31 -26.66 31.68
N ALA D 147 1.39 -26.70 32.44
CA ALA D 147 2.55 -25.88 32.13
C ALA D 147 3.17 -26.28 30.80
N LEU D 148 3.22 -27.59 30.54
CA LEU D 148 3.73 -28.04 29.25
C LEU D 148 2.90 -27.47 28.11
N ALA D 149 1.58 -27.53 28.24
CA ALA D 149 0.70 -27.02 27.20
C ALA D 149 0.92 -25.53 26.98
N ASP D 150 0.95 -24.77 28.08
CA ASP D 150 1.13 -23.33 27.97
C ASP D 150 2.50 -23.00 27.36
N LEU D 151 3.52 -23.78 27.71
CA LEU D 151 4.85 -23.55 27.15
C LEU D 151 4.85 -23.76 25.65
N LEU D 152 4.20 -24.83 25.18
CA LEU D 152 4.13 -25.05 23.74
C LEU D 152 3.36 -23.91 23.04
N PHE D 153 2.27 -23.47 23.66
CA PHE D 153 1.51 -22.35 23.09
C PHE D 153 2.39 -21.11 22.96
N ALA D 154 3.14 -20.78 24.01
CA ALA D 154 4.03 -19.64 23.96
C ALA D 154 5.10 -19.82 22.90
N LEU D 155 5.65 -21.03 22.79
CA LEU D 155 6.65 -21.31 21.77
C LEU D 155 6.11 -21.10 20.37
N THR D 156 4.82 -21.38 20.15
CA THR D 156 4.22 -21.14 18.84
C THR D 156 3.84 -19.68 18.60
N LEU D 157 3.66 -18.90 19.66
CA LEU D 157 3.18 -17.51 19.52
C LEU D 157 3.96 -16.67 18.51
N PRO D 158 5.30 -16.65 18.57
CA PRO D 158 6.06 -15.68 17.77
C PRO D 158 5.76 -15.73 16.27
N ILE D 159 5.61 -16.95 15.74
CA ILE D 159 5.32 -17.08 14.32
C ILE D 159 3.94 -16.49 14.02
N TRP D 160 2.98 -16.68 14.94
CA TRP D 160 1.68 -16.05 14.77
C TRP D 160 1.81 -14.53 14.76
N ALA D 161 2.66 -13.99 15.63
CA ALA D 161 2.87 -12.54 15.64
C ALA D 161 3.44 -12.05 14.32
N ALA D 162 4.44 -12.77 13.80
CA ALA D 162 5.03 -12.37 12.52
C ALA D 162 3.99 -12.44 11.40
N SER D 163 3.14 -13.47 11.43
CA SER D 163 2.08 -13.57 10.44
C SER D 163 1.13 -12.40 10.53
N LYS D 164 0.73 -12.02 11.75
CA LYS D 164 -0.10 -10.84 11.92
C LYS D 164 0.59 -9.60 11.39
N VAL D 165 1.92 -9.56 11.51
CA VAL D 165 2.68 -8.43 10.98
C VAL D 165 2.59 -8.36 9.46
N ASN D 166 3.07 -9.38 8.77
CA ASN D 166 3.20 -9.33 7.32
C ASN D 166 2.51 -10.47 6.59
N GLY D 167 1.75 -11.30 7.27
CA GLY D 167 1.08 -12.44 6.66
C GLY D 167 1.94 -13.69 6.68
N TRP D 168 1.34 -14.78 6.22
CA TRP D 168 2.00 -16.09 6.25
C TRP D 168 2.87 -16.21 5.01
N ILE D 169 4.17 -16.00 5.21
CA ILE D 169 5.17 -16.16 4.16
C ILE D 169 6.01 -17.41 4.39
N PHE D 170 5.71 -18.16 5.44
CA PHE D 170 6.55 -19.25 5.89
C PHE D 170 6.20 -20.59 5.24
N GLY D 171 5.11 -20.66 4.49
CA GLY D 171 4.75 -21.86 3.77
C GLY D 171 3.55 -22.57 4.36
N THR D 172 3.07 -23.56 3.60
CA THR D 172 1.89 -24.31 4.01
C THR D 172 2.18 -25.27 5.15
N PHE D 173 3.33 -25.95 5.08
CA PHE D 173 3.64 -26.97 6.07
C PHE D 173 3.69 -26.39 7.47
N LEU D 174 4.37 -25.25 7.62
CA LEU D 174 4.44 -24.59 8.92
C LEU D 174 3.07 -24.12 9.37
N CYS D 175 2.25 -23.60 8.44
CA CYS D 175 0.89 -23.23 8.80
C CYS D 175 0.16 -24.40 9.44
N LYS D 176 0.20 -25.56 8.77
CA LYS D 176 -0.48 -26.73 9.30
C LYS D 176 0.06 -27.10 10.68
N VAL D 177 1.38 -27.24 10.79
CA VAL D 177 1.96 -27.75 12.03
C VAL D 177 1.70 -26.78 13.19
N VAL D 178 1.93 -25.49 12.96
CA VAL D 178 1.76 -24.52 14.02
C VAL D 178 0.31 -24.43 14.46
N SER D 179 -0.62 -24.42 13.49
CA SER D 179 -2.03 -24.37 13.87
C SER D 179 -2.41 -25.59 14.69
N LEU D 180 -1.94 -26.77 14.26
CA LEU D 180 -2.23 -27.98 15.02
C LEU D 180 -1.73 -27.86 16.44
N LEU D 181 -0.46 -27.47 16.62
CA LEU D 181 0.12 -27.41 17.95
C LEU D 181 -0.64 -26.42 18.82
N LYS D 182 -0.92 -25.23 18.27
CA LYS D 182 -1.60 -24.20 19.03
C LYS D 182 -2.98 -24.67 19.49
N GLU D 183 -3.78 -25.21 18.56
CA GLU D 183 -5.13 -25.62 18.91
C GLU D 183 -5.11 -26.76 19.92
N VAL D 184 -4.20 -27.72 19.72
CA VAL D 184 -4.09 -28.83 20.66
C VAL D 184 -3.80 -28.32 22.06
N ASN D 185 -2.83 -27.42 22.18
CA ASN D 185 -2.44 -26.94 23.50
C ASN D 185 -3.56 -26.12 24.14
N PHE D 186 -4.29 -25.34 23.35
CA PHE D 186 -5.41 -24.57 23.88
C PHE D 186 -6.48 -25.49 24.45
N TYR D 187 -6.90 -26.49 23.66
CA TYR D 187 -7.88 -27.44 24.15
C TYR D 187 -7.39 -28.16 25.40
N SER D 188 -6.13 -28.57 25.40
CA SER D 188 -5.59 -29.30 26.54
C SER D 188 -5.60 -28.44 27.80
N GLY D 189 -5.21 -27.16 27.67
CA GLY D 189 -5.24 -26.28 28.82
C GLY D 189 -6.62 -26.14 29.39
N ILE D 190 -7.61 -25.91 28.54
CA ILE D 190 -8.98 -25.74 29.02
C ILE D 190 -9.45 -27.01 29.73
N LEU D 191 -9.25 -28.16 29.11
CA LEU D 191 -9.75 -29.40 29.70
C LEU D 191 -9.03 -29.72 30.99
N LEU D 192 -7.74 -29.37 31.08
CA LEU D 192 -7.02 -29.60 32.32
C LEU D 192 -7.52 -28.69 33.44
N LEU D 193 -7.90 -27.46 33.09
CA LEU D 193 -8.53 -26.60 34.11
C LEU D 193 -9.81 -27.24 34.63
N ALA D 194 -10.63 -27.76 33.71
CA ALA D 194 -11.86 -28.42 34.15
C ALA D 194 -11.56 -29.62 35.04
N CYS D 195 -10.57 -30.42 34.67
CA CYS D 195 -10.23 -31.59 35.45
C CYS D 195 -9.69 -31.21 36.83
N ILE D 196 -8.95 -30.11 36.91
CA ILE D 196 -8.50 -29.61 38.21
C ILE D 196 -9.69 -29.24 39.07
N SER D 197 -10.67 -28.56 38.48
CA SER D 197 -11.87 -28.22 39.22
C SER D 197 -12.55 -29.48 39.74
N VAL D 198 -12.64 -30.51 38.91
CA VAL D 198 -13.24 -31.76 39.33
C VAL D 198 -12.47 -32.38 40.49
N ASP D 199 -11.14 -32.35 40.41
CA ASP D 199 -10.33 -32.91 41.49
C ASP D 199 -10.60 -32.20 42.80
N ARG D 200 -10.67 -30.86 42.76
CA ARG D 200 -10.92 -30.12 43.98
C ARG D 200 -12.31 -30.43 44.53
N TYR D 201 -13.31 -30.52 43.65
CA TYR D 201 -14.65 -30.89 44.10
C TYR D 201 -14.65 -32.24 44.79
N LEU D 202 -13.98 -33.22 44.18
CA LEU D 202 -13.92 -34.55 44.77
C LEU D 202 -13.19 -34.53 46.11
N ALA D 203 -12.16 -33.70 46.22
CA ALA D 203 -11.33 -33.70 47.41
C ALA D 203 -12.02 -33.03 48.58
N ILE D 204 -12.85 -32.04 48.32
CA ILE D 204 -13.49 -31.27 49.39
C ILE D 204 -14.88 -31.80 49.72
N VAL D 205 -15.80 -31.74 48.76
CA VAL D 205 -17.18 -32.12 49.05
C VAL D 205 -17.27 -33.59 49.43
N HIS D 206 -16.64 -34.46 48.63
CA HIS D 206 -16.68 -35.89 48.82
C HIS D 206 -15.43 -36.39 49.54
N ALA D 207 -14.89 -35.58 50.46
CA ALA D 207 -13.67 -35.95 51.16
C ALA D 207 -13.87 -37.21 51.99
N THR D 208 -14.97 -37.28 52.74
CA THR D 208 -15.22 -38.37 53.66
C THR D 208 -15.85 -39.58 52.97
N ARG D 209 -16.26 -39.45 51.73
CA ARG D 209 -16.94 -40.53 51.02
C ARG D 209 -15.91 -41.43 50.34
N THR D 210 -16.40 -42.43 49.62
CA THR D 210 -15.54 -43.37 48.90
C THR D 210 -15.23 -42.93 47.48
N LEU D 211 -15.87 -41.86 46.99
CA LEU D 211 -15.62 -41.39 45.64
C LEU D 211 -14.26 -40.72 45.49
N THR D 212 -13.71 -40.16 46.58
CA THR D 212 -12.45 -39.45 46.50
C THR D 212 -11.29 -40.36 46.13
N GLN D 213 -11.46 -41.67 46.20
CA GLN D 213 -10.44 -42.62 45.77
C GLN D 213 -10.35 -42.72 44.26
N LYS D 214 -11.24 -42.07 43.53
CA LYS D 214 -11.20 -42.04 42.07
C LYS D 214 -10.38 -40.87 41.53
N ARG D 215 -9.72 -40.12 42.40
CA ARG D 215 -8.88 -39.00 41.98
C ARG D 215 -7.41 -39.39 41.90
N TYR D 216 -7.10 -40.68 42.00
CA TYR D 216 -5.74 -41.18 41.82
C TYR D 216 -5.49 -41.65 40.38
N LEU D 217 -6.40 -41.35 39.46
CA LEU D 217 -6.28 -41.72 38.06
C LEU D 217 -5.77 -40.57 37.21
N VAL D 218 -4.90 -39.73 37.75
CA VAL D 218 -4.46 -38.54 37.03
C VAL D 218 -3.80 -38.92 35.72
N LYS D 219 -2.96 -39.95 35.74
CA LYS D 219 -2.19 -40.29 34.55
C LYS D 219 -3.11 -40.63 33.38
N PHE D 220 -4.07 -41.54 33.61
CA PHE D 220 -4.97 -41.95 32.55
C PHE D 220 -5.84 -40.77 32.10
N ILE D 221 -6.30 -39.96 33.04
CA ILE D 221 -7.16 -38.84 32.69
C ILE D 221 -6.42 -37.85 31.81
N CYS D 222 -5.19 -37.49 32.19
CA CYS D 222 -4.41 -36.57 31.40
C CYS D 222 -4.09 -37.14 30.03
N LEU D 223 -3.77 -38.44 29.96
CA LEU D 223 -3.51 -39.06 28.67
C LEU D 223 -4.75 -38.99 27.77
N SER D 224 -5.91 -39.28 28.34
CA SER D 224 -7.15 -39.20 27.56
C SER D 224 -7.41 -37.77 27.11
N ILE D 225 -7.13 -36.80 27.98
CA ILE D 225 -7.34 -35.39 27.62
C ILE D 225 -6.46 -35.01 26.45
N TRP D 226 -5.18 -35.41 26.50
CA TRP D 226 -4.27 -35.10 25.40
C TRP D 226 -4.74 -35.77 24.11
N GLY D 227 -5.17 -37.02 24.20
CA GLY D 227 -5.67 -37.71 23.02
C GLY D 227 -6.88 -37.02 22.42
N LEU D 228 -7.81 -36.60 23.30
CA LEU D 228 -9.01 -35.92 22.81
C LEU D 228 -8.66 -34.59 22.17
N SER D 229 -7.71 -33.86 22.77
CA SER D 229 -7.27 -32.61 22.17
C SER D 229 -6.67 -32.85 20.79
N LEU D 230 -5.86 -33.89 20.67
CA LEU D 230 -5.30 -34.23 19.36
C LEU D 230 -6.40 -34.56 18.37
N LEU D 231 -7.41 -35.29 18.82
CA LEU D 231 -8.50 -35.69 17.92
C LEU D 231 -9.28 -34.46 17.44
N LEU D 232 -9.49 -33.49 18.32
CA LEU D 232 -10.31 -32.33 17.99
C LEU D 232 -9.58 -31.31 17.11
N ALA D 233 -8.27 -31.46 16.92
CA ALA D 233 -7.49 -30.51 16.14
C ALA D 233 -7.07 -31.06 14.77
N LEU D 234 -7.51 -32.27 14.43
CA LEU D 234 -7.22 -32.84 13.12
C LEU D 234 -7.75 -31.95 12.01
N PRO D 235 -8.97 -31.42 12.13
CA PRO D 235 -9.51 -30.59 11.04
C PRO D 235 -8.59 -29.45 10.66
N VAL D 236 -7.94 -28.84 11.64
CA VAL D 236 -7.00 -27.76 11.36
C VAL D 236 -5.85 -28.26 10.50
N LEU D 237 -5.27 -29.40 10.85
CA LEU D 237 -4.14 -29.93 10.07
C LEU D 237 -4.57 -30.30 8.67
N LEU D 238 -5.76 -30.91 8.54
CA LEU D 238 -6.18 -31.43 7.25
C LEU D 238 -6.60 -30.32 6.29
N PHE D 239 -7.35 -29.32 6.79
CA PHE D 239 -8.07 -28.40 5.95
C PHE D 239 -7.49 -26.99 5.95
N ARG D 240 -6.22 -26.83 6.30
CA ARG D 240 -5.59 -25.52 6.30
C ARG D 240 -4.51 -25.44 5.24
N ARG D 241 -4.26 -24.22 4.77
CA ARG D 241 -3.25 -23.96 3.76
C ARG D 241 -3.02 -22.45 3.72
N THR D 242 -2.24 -22.03 2.74
CA THR D 242 -1.97 -20.61 2.49
C THR D 242 -3.02 -20.09 1.52
N VAL D 243 -3.63 -18.95 1.86
CA VAL D 243 -4.61 -18.31 1.01
C VAL D 243 -4.07 -16.94 0.61
N TYR D 244 -4.03 -16.69 -0.69
CA TYR D 244 -3.54 -15.45 -1.26
C TYR D 244 -4.74 -14.66 -1.78
N SER D 245 -4.96 -13.48 -1.23
CA SER D 245 -6.02 -12.58 -1.67
C SER D 245 -5.39 -11.31 -2.25
N SER D 246 -6.24 -10.43 -2.76
CA SER D 246 -5.82 -9.16 -3.34
C SER D 246 -5.91 -8.01 -2.35
N ASN D 247 -7.05 -7.87 -1.68
CA ASN D 247 -7.22 -6.78 -0.72
C ASN D 247 -6.28 -6.94 0.47
N VAL D 248 -6.04 -8.18 0.90
CA VAL D 248 -5.36 -8.45 2.15
C VAL D 248 -4.17 -9.38 1.88
N SER D 249 -3.22 -9.36 2.81
CA SER D 249 -2.02 -10.18 2.74
C SER D 249 -2.36 -11.65 2.87
N PRO D 250 -1.41 -12.56 2.65
CA PRO D 250 -1.72 -13.99 2.73
C PRO D 250 -2.08 -14.41 4.14
N ALA D 251 -2.81 -15.52 4.24
CA ALA D 251 -3.25 -16.01 5.54
C ALA D 251 -3.13 -17.51 5.62
N CYS D 252 -3.03 -18.01 6.86
CA CYS D 252 -3.04 -19.44 7.17
C CYS D 252 -4.48 -19.81 7.47
N TYR D 253 -5.29 -19.86 6.42
CA TYR D 253 -6.73 -20.07 6.50
C TYR D 253 -7.07 -21.52 6.16
N GLU D 254 -8.37 -21.80 6.04
CA GLU D 254 -8.88 -23.13 5.76
C GLU D 254 -9.43 -23.19 4.35
N ASP D 255 -9.20 -24.32 3.67
CA ASP D 255 -9.69 -24.55 2.32
C ASP D 255 -10.39 -25.90 2.29
N MET D 256 -11.68 -25.89 2.62
CA MET D 256 -12.48 -27.11 2.64
C MET D 256 -13.27 -27.33 1.36
N GLY D 257 -13.26 -26.37 0.43
CA GLY D 257 -13.92 -26.52 -0.84
C GLY D 257 -14.76 -25.30 -1.18
N ASN D 258 -15.74 -25.52 -2.06
CA ASN D 258 -16.55 -24.41 -2.55
C ASN D 258 -17.34 -23.74 -1.43
N ASN D 259 -17.87 -24.53 -0.49
CA ASN D 259 -18.71 -24.03 0.59
C ASN D 259 -17.90 -23.85 1.87
N THR D 260 -16.67 -23.37 1.75
CA THR D 260 -15.75 -23.34 2.87
C THR D 260 -16.29 -22.51 4.02
N ALA D 261 -17.03 -21.44 3.73
CA ALA D 261 -17.48 -20.54 4.78
C ALA D 261 -18.38 -21.27 5.77
N ASN D 262 -19.39 -21.97 5.28
CA ASN D 262 -20.33 -22.64 6.17
C ASN D 262 -19.67 -23.79 6.92
N TRP D 263 -18.77 -24.52 6.27
CA TRP D 263 -18.05 -25.57 6.98
C TRP D 263 -17.20 -24.99 8.09
N ARG D 264 -16.56 -23.85 7.86
CA ARG D 264 -15.80 -23.19 8.90
C ARG D 264 -16.71 -22.77 10.05
N MET D 265 -17.88 -22.25 9.71
CA MET D 265 -18.85 -21.89 10.76
C MET D 265 -19.20 -23.09 11.61
N LEU D 266 -19.46 -24.23 10.97
CA LEU D 266 -19.80 -25.43 11.74
C LEU D 266 -18.63 -25.88 12.61
N LEU D 267 -17.42 -25.89 12.03
CA LEU D 267 -16.25 -26.31 12.79
C LEU D 267 -16.03 -25.40 13.99
N ARG D 268 -16.46 -24.15 13.90
CA ARG D 268 -16.32 -23.24 15.03
C ARG D 268 -17.13 -23.70 16.23
N ILE D 269 -18.07 -24.62 16.04
CA ILE D 269 -18.89 -25.09 17.16
C ILE D 269 -18.05 -25.85 18.17
N LEU D 270 -17.03 -26.57 17.71
CA LEU D 270 -16.24 -27.39 18.64
C LEU D 270 -15.54 -26.54 19.68
N PRO D 271 -14.76 -25.50 19.33
CA PRO D 271 -14.12 -24.69 20.36
C PRO D 271 -15.09 -24.00 21.29
N GLN D 272 -16.29 -23.66 20.83
CA GLN D 272 -17.27 -22.99 21.66
C GLN D 272 -18.11 -23.95 22.48
N SER D 273 -17.96 -25.26 22.27
CA SER D 273 -18.67 -26.27 23.04
C SER D 273 -17.73 -27.05 23.95
N PHE D 274 -16.64 -27.59 23.40
CA PHE D 274 -15.64 -28.29 24.18
C PHE D 274 -14.55 -27.37 24.70
N GLY D 275 -14.65 -26.07 24.45
CA GLY D 275 -13.64 -25.14 24.86
C GLY D 275 -14.15 -24.03 25.77
N PHE D 276 -15.44 -23.73 25.69
CA PHE D 276 -16.01 -22.70 26.54
C PHE D 276 -17.15 -23.21 27.41
N ILE D 277 -18.18 -23.79 26.79
CA ILE D 277 -19.43 -24.03 27.49
C ILE D 277 -19.28 -25.19 28.47
N VAL D 278 -18.84 -26.34 27.99
CA VAL D 278 -18.75 -27.54 28.82
C VAL D 278 -17.82 -27.28 29.99
N PRO D 279 -16.57 -26.83 29.75
CA PRO D 279 -15.69 -26.54 30.88
C PRO D 279 -16.24 -25.48 31.83
N LEU D 280 -16.88 -24.45 31.29
CA LEU D 280 -17.41 -23.39 32.15
C LEU D 280 -18.49 -23.94 33.07
N LEU D 281 -19.41 -24.74 32.51
CA LEU D 281 -20.47 -25.32 33.32
C LEU D 281 -19.90 -26.25 34.38
N ILE D 282 -18.93 -27.08 34.00
CA ILE D 282 -18.33 -27.99 34.97
C ILE D 282 -17.67 -27.20 36.09
N MET D 283 -16.90 -26.18 35.73
CA MET D 283 -16.20 -25.38 36.72
C MET D 283 -17.19 -24.69 37.65
N LEU D 284 -18.26 -24.13 37.09
CA LEU D 284 -19.24 -23.43 37.92
C LEU D 284 -19.90 -24.38 38.89
N PHE D 285 -20.34 -25.55 38.40
CA PHE D 285 -20.98 -26.53 39.28
C PHE D 285 -20.04 -26.94 40.42
N CYS D 286 -18.83 -27.35 40.05
CA CYS D 286 -17.91 -27.88 41.05
C CYS D 286 -17.53 -26.81 42.07
N TYR D 287 -17.16 -25.62 41.59
CA TYR D 287 -16.74 -24.56 42.49
C TYR D 287 -17.90 -24.03 43.33
N GLY D 288 -19.13 -24.02 42.80
CA GLY D 288 -20.25 -23.59 43.60
C GLY D 288 -20.54 -24.54 44.74
N PHE D 289 -20.53 -25.85 44.47
CA PHE D 289 -20.73 -26.79 45.56
C PHE D 289 -19.56 -26.74 46.54
N THR D 290 -18.35 -26.54 46.04
CA THR D 290 -17.20 -26.37 46.92
C THR D 290 -17.38 -25.18 47.83
N LEU D 291 -17.83 -24.05 47.30
CA LEU D 291 -18.04 -22.86 48.12
C LEU D 291 -19.15 -23.09 49.12
N ARG D 292 -20.20 -23.81 48.73
CA ARG D 292 -21.28 -24.10 49.65
C ARG D 292 -20.77 -24.92 50.83
N THR D 293 -19.92 -25.91 50.57
CA THR D 293 -19.34 -26.67 51.67
C THR D 293 -18.43 -25.79 52.52
N LEU D 294 -17.63 -24.94 51.88
CA LEU D 294 -16.66 -24.13 52.62
C LEU D 294 -17.31 -23.02 53.44
N PHE D 295 -18.51 -22.58 53.11
CA PHE D 295 -19.20 -21.58 53.92
C PHE D 295 -19.76 -22.18 55.20
N LYS D 296 -20.00 -23.48 55.21
CA LYS D 296 -20.57 -24.17 56.36
C LYS D 296 -19.53 -24.65 57.34
N ALA D 297 -18.24 -24.54 57.02
CA ALA D 297 -17.17 -25.05 57.86
C ALA D 297 -16.60 -23.94 58.73
N HIS D 298 -15.82 -24.35 59.74
CA HIS D 298 -15.27 -23.46 60.74
C HIS D 298 -13.77 -23.25 60.56
N MET D 299 -13.21 -23.63 59.41
CA MET D 299 -11.79 -23.47 59.19
C MET D 299 -11.43 -21.99 59.09
N GLY D 300 -10.26 -21.64 59.65
CA GLY D 300 -9.82 -20.26 59.59
C GLY D 300 -9.49 -19.80 58.19
N GLN D 301 -8.96 -20.69 57.36
CA GLN D 301 -8.46 -20.35 56.04
C GLN D 301 -9.52 -20.51 54.96
N LYS D 302 -10.79 -20.55 55.34
CA LYS D 302 -11.86 -20.67 54.34
C LYS D 302 -11.91 -19.46 53.43
N HIS D 303 -11.72 -18.26 53.99
CA HIS D 303 -11.91 -17.03 53.22
C HIS D 303 -10.93 -16.95 52.05
N ARG D 304 -9.67 -17.30 52.28
CA ARG D 304 -8.69 -17.22 51.21
C ARG D 304 -9.04 -18.22 50.09
N ALA D 305 -9.54 -19.39 50.46
CA ALA D 305 -9.97 -20.35 49.45
C ALA D 305 -11.12 -19.80 48.62
N MET D 306 -12.10 -19.19 49.29
CA MET D 306 -13.19 -18.56 48.56
C MET D 306 -12.66 -17.53 47.58
N ARG D 307 -11.73 -16.69 48.04
CA ARG D 307 -11.20 -15.63 47.19
C ARG D 307 -10.47 -16.23 46.00
N VAL D 308 -9.69 -17.30 46.22
CA VAL D 308 -8.94 -17.91 45.14
C VAL D 308 -9.88 -18.50 44.09
N ILE D 309 -10.94 -19.18 44.55
CA ILE D 309 -11.88 -19.79 43.61
C ILE D 309 -12.57 -18.70 42.79
N PHE D 310 -13.02 -17.64 43.45
CA PHE D 310 -13.65 -16.54 42.72
C PHE D 310 -12.67 -15.94 41.72
N ALA D 311 -11.41 -15.78 42.12
CA ALA D 311 -10.42 -15.21 41.22
C ALA D 311 -10.23 -16.09 39.99
N VAL D 312 -10.17 -17.40 40.21
CA VAL D 312 -9.96 -18.32 39.09
C VAL D 312 -11.12 -18.20 38.11
N VAL D 313 -12.35 -18.23 38.63
CA VAL D 313 -13.52 -18.15 37.75
C VAL D 313 -13.54 -16.84 36.99
N LEU D 314 -13.27 -15.74 37.69
CA LEU D 314 -13.31 -14.43 37.04
C LEU D 314 -12.22 -14.31 35.99
N ILE D 315 -11.02 -14.85 36.26
CA ILE D 315 -9.94 -14.80 35.29
C ILE D 315 -10.33 -15.58 34.04
N PHE D 316 -10.87 -16.78 34.23
CA PHE D 316 -11.28 -17.58 33.08
C PHE D 316 -12.32 -16.84 32.25
N LEU D 317 -13.32 -16.25 32.92
CA LEU D 317 -14.35 -15.52 32.21
C LEU D 317 -13.76 -14.36 31.44
N LEU D 318 -12.99 -13.51 32.13
CA LEU D 318 -12.41 -12.34 31.49
C LEU D 318 -11.55 -12.74 30.28
N CYS D 319 -10.86 -13.87 30.38
CA CYS D 319 -9.97 -14.27 29.31
C CYS D 319 -10.72 -14.79 28.10
N TRP D 320 -11.79 -15.58 28.32
CA TRP D 320 -12.36 -16.35 27.22
C TRP D 320 -13.73 -15.86 26.76
N LEU D 321 -14.56 -15.31 27.64
CA LEU D 321 -15.92 -14.93 27.25
C LEU D 321 -15.93 -13.92 26.12
N PRO D 322 -15.15 -12.83 26.14
CA PRO D 322 -15.23 -11.86 25.04
C PRO D 322 -14.95 -12.45 23.67
N TYR D 323 -13.96 -13.34 23.59
CA TYR D 323 -13.61 -13.92 22.30
C TYR D 323 -14.77 -14.72 21.73
N ASN D 324 -15.39 -15.54 22.58
CA ASN D 324 -16.53 -16.34 22.12
C ASN D 324 -17.74 -15.48 21.80
N LEU D 325 -17.96 -14.40 22.55
CA LEU D 325 -19.06 -13.50 22.22
C LEU D 325 -18.85 -12.86 20.86
N VAL D 326 -17.62 -12.40 20.59
CA VAL D 326 -17.32 -11.80 19.30
C VAL D 326 -17.46 -12.82 18.19
N LEU D 327 -17.02 -14.06 18.45
CA LEU D 327 -17.16 -15.12 17.46
C LEU D 327 -18.63 -15.41 17.16
N LEU D 328 -19.46 -15.44 18.20
CA LEU D 328 -20.88 -15.65 18.00
C LEU D 328 -21.49 -14.52 17.20
N ALA D 329 -21.08 -13.28 17.48
CA ALA D 329 -21.59 -12.14 16.72
C ALA D 329 -21.20 -12.26 15.26
N ASP D 330 -19.96 -12.66 14.99
CA ASP D 330 -19.53 -12.84 13.61
C ASP D 330 -20.34 -13.93 12.92
N THR D 331 -20.58 -15.03 13.63
CA THR D 331 -21.38 -16.11 13.06
C THR D 331 -22.78 -15.62 12.72
N LEU D 332 -23.40 -14.88 13.64
CA LEU D 332 -24.74 -14.35 13.39
C LEU D 332 -24.73 -13.40 12.20
N MET D 333 -23.72 -12.54 12.13
CA MET D 333 -23.64 -11.57 11.03
C MET D 333 -23.50 -12.27 9.70
N ARG D 334 -22.70 -13.33 9.65
CA ARG D 334 -22.59 -14.12 8.42
C ARG D 334 -23.89 -14.84 8.11
N THR D 335 -24.66 -15.20 9.12
CA THR D 335 -25.91 -15.92 8.93
C THR D 335 -27.10 -14.98 8.72
N GLN D 336 -26.87 -13.68 8.68
CA GLN D 336 -27.86 -12.63 8.39
C GLN D 336 -28.86 -12.43 9.52
N VAL D 337 -28.67 -13.06 10.68
CA VAL D 337 -29.50 -12.74 11.83
C VAL D 337 -29.31 -11.29 12.24
N ILE D 338 -28.06 -10.82 12.25
CA ILE D 338 -27.73 -9.42 12.45
C ILE D 338 -27.41 -8.81 11.09
N GLN D 339 -27.94 -7.62 10.83
CA GLN D 339 -27.70 -6.96 9.56
C GLN D 339 -26.20 -6.72 9.37
N GLU D 340 -25.75 -6.88 8.14
CA GLU D 340 -24.34 -6.82 7.80
C GLU D 340 -24.00 -5.45 7.22
N THR D 341 -22.93 -4.83 7.72
CA THR D 341 -22.45 -3.57 7.22
C THR D 341 -20.95 -3.50 7.38
N CYS D 342 -20.32 -2.61 6.62
CA CYS D 342 -18.86 -2.51 6.64
C CYS D 342 -18.36 -2.08 8.02
N GLU D 343 -19.05 -1.14 8.66
CA GLU D 343 -18.63 -0.68 9.97
C GLU D 343 -18.64 -1.84 10.97
N ARG D 344 -19.69 -2.65 10.94
CA ARG D 344 -19.75 -3.81 11.83
C ARG D 344 -18.61 -4.78 11.53
N ARG D 345 -18.30 -4.96 10.24
CA ARG D 345 -17.21 -5.85 9.87
C ARG D 345 -15.89 -5.39 10.49
N ASN D 346 -15.59 -4.10 10.33
CA ASN D 346 -14.34 -3.57 10.86
C ASN D 346 -14.32 -3.68 12.38
N HIS D 347 -15.44 -3.35 13.02
CA HIS D 347 -15.51 -3.43 14.48
C HIS D 347 -15.27 -4.86 14.95
N ILE D 348 -15.88 -5.83 14.27
CA ILE D 348 -15.73 -7.22 14.68
C ILE D 348 -14.32 -7.71 14.46
N ASP D 349 -13.68 -7.29 13.36
CA ASP D 349 -12.30 -7.70 13.13
C ASP D 349 -11.39 -7.16 14.22
N ARG D 350 -11.54 -5.88 14.57
CA ARG D 350 -10.74 -5.31 15.64
C ARG D 350 -11.01 -6.03 16.96
N ALA D 351 -12.28 -6.34 17.24
CA ALA D 351 -12.62 -7.02 18.47
C ALA D 351 -12.03 -8.42 18.51
N LEU D 352 -12.02 -9.11 17.37
CA LEU D 352 -11.39 -10.43 17.31
C LEU D 352 -9.92 -10.33 17.64
N ASP D 353 -9.23 -9.37 17.04
CA ASP D 353 -7.81 -9.21 17.34
C ASP D 353 -7.60 -8.95 18.83
N ALA D 354 -8.36 -8.01 19.38
CA ALA D 354 -8.17 -7.64 20.78
C ALA D 354 -8.48 -8.80 21.71
N THR D 355 -9.55 -9.54 21.44
CA THR D 355 -9.94 -10.64 22.32
C THR D 355 -8.99 -11.82 22.18
N GLU D 356 -8.45 -12.07 20.99
CA GLU D 356 -7.41 -13.07 20.88
C GLU D 356 -6.19 -12.69 21.70
N ILE D 357 -5.80 -11.42 21.64
CA ILE D 357 -4.69 -10.96 22.48
C ILE D 357 -5.02 -11.19 23.95
N LEU D 358 -6.24 -10.84 24.36
CA LEU D 358 -6.61 -10.96 25.77
C LEU D 358 -6.61 -12.42 26.21
N GLY D 359 -7.15 -13.31 25.37
CA GLY D 359 -7.18 -14.72 25.72
C GLY D 359 -5.79 -15.33 25.79
N ILE D 360 -4.88 -14.88 24.93
CA ILE D 360 -3.52 -15.38 24.94
C ILE D 360 -2.84 -15.18 26.30
N LEU D 361 -3.39 -14.34 27.16
CA LEU D 361 -2.81 -14.10 28.47
C LEU D 361 -2.98 -15.27 29.43
N HIS D 362 -3.70 -16.31 29.04
CA HIS D 362 -3.90 -17.45 29.93
C HIS D 362 -2.62 -18.25 30.14
N SER D 363 -1.65 -18.10 29.25
CA SER D 363 -0.38 -18.82 29.40
C SER D 363 0.55 -18.14 30.39
N CYS D 364 0.29 -16.89 30.76
CA CYS D 364 1.11 -16.17 31.71
C CYS D 364 0.53 -16.12 33.11
N LEU D 365 -0.79 -16.19 33.25
CA LEU D 365 -1.44 -16.05 34.54
C LEU D 365 -1.72 -17.38 35.22
N ASN D 366 -1.81 -18.47 34.48
CA ASN D 366 -2.07 -19.77 35.08
C ASN D 366 -1.03 -20.15 36.14
N PRO D 367 0.28 -19.99 35.90
CA PRO D 367 1.24 -20.34 36.95
C PRO D 367 1.03 -19.54 38.22
N LEU D 368 0.61 -18.28 38.11
CA LEU D 368 0.37 -17.46 39.29
C LEU D 368 -0.89 -17.89 40.01
N ILE D 369 -1.96 -18.14 39.25
CA ILE D 369 -3.26 -18.41 39.87
C ILE D 369 -3.30 -19.79 40.49
N TYR D 370 -2.86 -20.80 39.74
CA TYR D 370 -3.06 -22.19 40.16
C TYR D 370 -1.91 -22.74 41.00
N ALA D 371 -0.67 -22.34 40.74
CA ALA D 371 0.48 -22.96 41.35
C ALA D 371 1.19 -22.04 42.35
N PHE D 372 1.62 -20.86 41.92
CA PHE D 372 2.44 -20.02 42.77
C PHE D 372 1.69 -19.45 43.96
N ILE D 373 0.37 -19.58 44.00
CA ILE D 373 -0.41 -19.04 45.11
C ILE D 373 -0.44 -20.06 46.24
N GLY D 374 0.23 -21.18 46.06
CA GLY D 374 0.33 -22.22 47.07
C GLY D 374 1.65 -22.13 47.81
N GLN D 375 1.59 -22.31 49.13
CA GLN D 375 2.78 -22.18 49.95
C GLN D 375 3.82 -23.23 49.57
N LYS D 376 3.37 -24.44 49.22
CA LYS D 376 4.30 -25.52 48.92
C LYS D 376 5.20 -25.15 47.74
N PHE D 377 4.61 -24.61 46.68
CA PHE D 377 5.39 -24.27 45.50
C PHE D 377 6.40 -23.17 45.81
N ARG D 378 5.99 -22.14 46.55
CA ARG D 378 6.90 -21.06 46.88
C ARG D 378 8.06 -21.56 47.74
N HIS D 379 7.76 -22.40 48.73
CA HIS D 379 8.81 -22.97 49.56
C HIS D 379 9.77 -23.81 48.72
N GLY D 380 9.23 -24.62 47.81
CA GLY D 380 10.08 -25.43 46.97
C GLY D 380 10.96 -24.57 46.08
N LEU D 381 10.41 -23.49 45.54
CA LEU D 381 11.20 -22.61 44.70
C LEU D 381 12.34 -21.98 45.48
N LEU D 382 12.04 -21.48 46.68
CA LEU D 382 13.08 -20.88 47.50
C LEU D 382 14.16 -21.90 47.83
N LYS D 383 13.76 -23.14 48.12
CA LYS D 383 14.75 -24.18 48.37
C LYS D 383 15.62 -24.43 47.15
N ILE D 384 15.00 -24.50 45.96
CA ILE D 384 15.74 -24.79 44.74
C ILE D 384 16.73 -23.68 44.43
N LEU D 385 16.38 -22.43 44.74
CA LEU D 385 17.29 -21.34 44.43
C LEU D 385 18.61 -21.50 45.18
N ALA D 386 18.64 -22.33 46.22
CA ALA D 386 19.86 -22.64 46.93
C ALA D 386 20.86 -23.33 46.01
#